data_7WS7
#
_entry.id   7WS7
#
_cell.length_a   1.00
_cell.length_b   1.00
_cell.length_c   1.00
_cell.angle_alpha   90.00
_cell.angle_beta   90.00
_cell.angle_gamma   90.00
#
_symmetry.space_group_name_H-M   'P 1'
#
loop_
_entity.id
_entity.type
_entity.pdbx_description
1 polymer 'Spike protein S1'
2 polymer '510A5 light chain'
3 polymer '510A5 heavy chain'
4 branched 2-acetamido-2-deoxy-beta-D-glucopyranose-(1-4)-2-acetamido-2-deoxy-beta-D-glucopyranose
#
loop_
_entity_poly.entity_id
_entity_poly.type
_entity_poly.pdbx_seq_one_letter_code
_entity_poly.pdbx_strand_id
1 'polypeptide(L)'
;IVRFPNITNLCPFGEVFNATRFASVYAWNRKRISNCVADYSVLYNSASFSTFKCYGVSPTKLNDLCFTNVYADSFVIRGD
EVRQIAPGQTGKIADYNYKLPDDFTGCVIAWNSNNLDSKVGGNYNYLYRLFRKSNLKPFERDISTEIYQAGSTPCNGVEG
FNCYFPLQSYGFQPTNGVGYQPYRVVVLSFELLHAPATVCGPKKS
;
B
2 'polypeptide(L)'
;DIQMTQSPSSLSASVGDRVTITCRASQSISSYLNWFQHKPGKAPKLLIYGASSLQSGVPSRFSGSGSGTDFTLTISSLQP
EDFATYYCQQSYSTPPYTFGQGTKLEIK
;
F,J
3 'polypeptide(L)'
;EVQLVESGGGLVQPGRSLRLSCAASGFTFDDYAMHWVRQAPGKGLEWVSGISWNSDSIDYADSVKGRFTISRDNAKNSLY
LQMNSLRAEDTALYYCAKDRGYEILTPASFDYWGQGTLVTVSSAS
;
G,K
#
# COMPACT_ATOMS: atom_id res chain seq x y z
N ILE A 1 12.17 23.11 -51.18
CA ILE A 1 13.18 22.06 -51.26
C ILE A 1 14.24 22.25 -50.18
N VAL A 2 14.51 21.19 -49.43
CA VAL A 2 15.58 21.19 -48.43
C VAL A 2 15.98 19.74 -48.16
N ARG A 3 17.28 19.50 -48.14
CA ARG A 3 17.81 18.15 -48.02
C ARG A 3 18.90 18.12 -46.96
N PHE A 4 18.56 17.58 -45.79
CA PHE A 4 19.46 17.49 -44.66
C PHE A 4 19.88 16.04 -44.41
N PRO A 5 20.99 15.82 -43.71
CA PRO A 5 21.48 14.45 -43.51
C PRO A 5 20.49 13.61 -42.72
N ASN A 6 20.78 12.31 -42.69
CA ASN A 6 19.89 11.33 -42.07
C ASN A 6 19.76 11.59 -40.57
N ILE A 7 18.61 11.20 -40.02
CA ILE A 7 18.35 11.31 -38.60
C ILE A 7 18.93 10.09 -37.90
N THR A 8 19.84 10.33 -36.96
CA THR A 8 20.50 9.25 -36.25
C THR A 8 20.89 9.73 -34.86
N ASN A 9 21.17 8.77 -33.98
CA ASN A 9 21.65 9.06 -32.62
C ASN A 9 20.63 9.92 -31.87
N LEU A 10 19.46 9.34 -31.63
CA LEU A 10 18.40 10.04 -30.92
C LEU A 10 18.65 10.00 -29.42
N CYS A 11 18.19 11.04 -28.74
CA CYS A 11 18.37 11.13 -27.29
C CYS A 11 17.55 10.06 -26.58
N PRO A 12 18.05 9.52 -25.47
CA PRO A 12 17.35 8.45 -24.76
C PRO A 12 16.34 8.98 -23.75
N PHE A 13 15.31 9.67 -24.26
CA PHE A 13 14.23 10.10 -23.39
C PHE A 13 13.36 8.93 -22.95
N GLY A 14 13.31 7.87 -23.76
CA GLY A 14 12.45 6.73 -23.42
C GLY A 14 12.87 6.06 -22.13
N GLU A 15 14.17 5.84 -21.96
CA GLU A 15 14.63 5.15 -20.75
C GLU A 15 14.56 6.06 -19.53
N VAL A 16 14.65 7.38 -19.73
CA VAL A 16 14.47 8.30 -18.61
C VAL A 16 13.02 8.31 -18.16
N PHE A 17 12.08 8.31 -19.12
CA PHE A 17 10.67 8.39 -18.77
C PHE A 17 10.10 7.02 -18.46
N ASN A 18 10.27 6.06 -19.37
CA ASN A 18 9.72 4.72 -19.18
C ASN A 18 10.62 3.87 -18.31
N ALA A 19 10.97 4.36 -17.12
CA ALA A 19 11.73 3.61 -16.15
C ALA A 19 10.78 3.03 -15.09
N THR A 20 11.33 2.21 -14.20
CA THR A 20 10.55 1.58 -13.15
C THR A 20 10.83 2.15 -11.77
N ARG A 21 12.10 2.50 -11.51
CA ARG A 21 12.48 2.97 -10.15
C ARG A 21 12.90 4.45 -10.17
N PHE A 22 12.14 5.30 -9.48
CA PHE A 22 12.46 6.72 -9.34
C PHE A 22 12.94 7.00 -7.93
N ALA A 23 13.95 7.84 -7.81
CA ALA A 23 14.51 8.17 -6.51
C ALA A 23 13.55 9.06 -5.72
N SER A 24 13.81 9.17 -4.42
CA SER A 24 13.00 10.03 -3.57
C SER A 24 13.26 11.49 -3.89
N VAL A 25 12.39 12.36 -3.38
CA VAL A 25 12.47 13.77 -3.72
C VAL A 25 13.72 14.41 -3.11
N TYR A 26 14.09 14.00 -1.89
CA TYR A 26 15.27 14.59 -1.25
C TYR A 26 16.57 14.09 -1.85
N ALA A 27 16.53 13.05 -2.67
CA ALA A 27 17.73 12.46 -3.28
C ALA A 27 17.50 12.21 -4.77
N TRP A 28 16.96 13.22 -5.45
CA TRP A 28 16.68 13.10 -6.88
C TRP A 28 17.97 12.91 -7.66
N ASN A 29 17.86 12.17 -8.76
CA ASN A 29 19.01 11.93 -9.63
C ASN A 29 18.97 12.85 -10.83
N ARG A 30 20.16 13.27 -11.28
CA ARG A 30 20.31 14.18 -12.40
C ARG A 30 21.08 13.48 -13.51
N LYS A 31 20.57 13.56 -14.73
CA LYS A 31 21.22 12.94 -15.89
C LYS A 31 21.43 13.99 -16.97
N ARG A 32 22.63 14.05 -17.51
CA ARG A 32 22.96 15.01 -18.55
C ARG A 32 22.67 14.39 -19.92
N ILE A 33 21.79 15.04 -20.68
CA ILE A 33 21.45 14.63 -22.03
C ILE A 33 22.12 15.59 -22.99
N SER A 34 22.95 15.05 -23.89
CA SER A 34 23.68 15.92 -24.82
C SER A 34 24.10 15.10 -26.03
N ASN A 35 24.48 15.83 -27.08
CA ASN A 35 25.01 15.24 -28.32
C ASN A 35 24.05 14.20 -28.89
N CYS A 36 22.86 14.67 -29.27
CA CYS A 36 21.85 13.83 -29.89
C CYS A 36 20.75 14.73 -30.42
N VAL A 37 19.95 14.19 -31.34
CA VAL A 37 18.77 14.88 -31.82
C VAL A 37 17.62 14.59 -30.85
N ALA A 38 17.02 15.64 -30.32
CA ALA A 38 15.97 15.52 -29.32
C ALA A 38 14.64 15.90 -29.95
N ASP A 39 13.80 14.90 -30.19
CA ASP A 39 12.46 15.13 -30.73
C ASP A 39 11.50 15.25 -29.55
N TYR A 40 11.10 16.48 -29.25
CA TYR A 40 10.18 16.72 -28.11
C TYR A 40 8.72 16.51 -28.54
N SER A 41 8.48 16.26 -29.84
CA SER A 41 7.12 16.01 -30.29
C SER A 41 6.55 14.74 -29.67
N VAL A 42 7.37 13.71 -29.53
CA VAL A 42 6.89 12.46 -28.95
C VAL A 42 6.52 12.65 -27.48
N LEU A 43 7.13 13.64 -26.82
CA LEU A 43 6.75 13.91 -25.43
C LEU A 43 5.41 14.64 -25.35
N TYR A 44 5.20 15.62 -26.22
CA TYR A 44 3.97 16.39 -26.16
C TYR A 44 2.76 15.61 -26.67
N ASN A 45 2.91 14.91 -27.80
CA ASN A 45 1.75 14.25 -28.39
C ASN A 45 1.23 13.11 -27.52
N SER A 46 2.05 12.61 -26.60
CA SER A 46 1.58 11.60 -25.66
C SER A 46 0.54 12.19 -24.72
N ALA A 47 -0.52 11.41 -24.47
CA ALA A 47 -1.59 11.83 -23.58
C ALA A 47 -1.40 11.32 -22.16
N SER A 48 -0.29 10.66 -21.86
CA SER A 48 -0.08 10.09 -20.54
C SER A 48 0.17 11.13 -19.47
N PHE A 49 0.71 12.29 -19.83
CA PHE A 49 1.10 13.30 -18.86
C PHE A 49 -0.09 14.18 -18.51
N SER A 50 -0.46 14.20 -17.22
CA SER A 50 -1.55 15.06 -16.78
C SER A 50 -1.11 16.53 -16.70
N THR A 51 0.13 16.77 -16.27
CA THR A 51 0.64 18.13 -16.12
C THR A 51 1.81 18.32 -17.08
N PHE A 52 1.72 19.37 -17.90
CA PHE A 52 2.76 19.71 -18.87
C PHE A 52 2.83 21.23 -18.90
N LYS A 53 3.72 21.79 -18.08
CA LYS A 53 3.87 23.23 -17.99
C LYS A 53 5.27 23.61 -18.43
N CYS A 54 5.37 24.59 -19.33
CA CYS A 54 6.64 25.05 -19.86
C CYS A 54 6.83 26.53 -19.52
N TYR A 55 8.00 26.84 -18.96
CA TYR A 55 8.30 28.22 -18.52
C TYR A 55 9.42 28.82 -19.38
N GLY A 56 9.15 29.92 -20.07
CA GLY A 56 10.13 30.63 -20.85
C GLY A 56 10.18 30.28 -22.32
N VAL A 57 9.48 29.21 -22.72
CA VAL A 57 9.55 28.77 -24.14
C VAL A 57 8.31 27.93 -24.48
N SER A 58 7.65 28.24 -25.60
CA SER A 58 6.51 27.45 -26.02
C SER A 58 6.96 26.04 -26.36
N PRO A 59 6.19 25.01 -25.98
CA PRO A 59 6.65 23.64 -26.21
C PRO A 59 6.89 23.29 -27.67
N THR A 60 6.11 23.84 -28.59
CA THR A 60 6.25 23.50 -29.99
C THR A 60 7.34 24.30 -30.70
N LYS A 61 7.99 25.20 -29.95
CA LYS A 61 9.11 25.99 -30.51
C LYS A 61 10.42 25.39 -30.02
N LEU A 62 10.36 24.21 -29.38
CA LEU A 62 11.60 23.52 -28.89
C LEU A 62 12.23 22.74 -30.05
N ASN A 63 11.41 22.29 -31.00
CA ASN A 63 11.92 21.42 -32.10
C ASN A 63 12.73 22.24 -33.10
N ASP A 64 12.95 23.52 -32.81
CA ASP A 64 13.77 24.37 -33.71
C ASP A 64 14.88 25.03 -32.89
N LEU A 65 14.65 25.23 -31.59
CA LEU A 65 15.65 25.90 -30.72
C LEU A 65 16.75 24.88 -30.37
N CYS A 66 18.00 25.21 -30.70
CA CYS A 66 19.12 24.29 -30.43
C CYS A 66 19.86 24.75 -29.17
N PHE A 67 19.78 23.97 -28.09
CA PHE A 67 20.49 24.30 -26.83
C PHE A 67 21.87 23.63 -26.82
N THR A 68 22.48 23.50 -25.65
CA THR A 68 23.80 22.81 -25.55
C THR A 68 23.70 21.69 -24.50
N ASN A 69 22.80 21.82 -23.52
CA ASN A 69 22.73 20.83 -22.46
C ASN A 69 21.28 20.68 -22.02
N VAL A 70 20.90 19.46 -21.68
CA VAL A 70 19.58 19.17 -21.15
C VAL A 70 19.74 18.28 -19.93
N TYR A 71 19.18 18.71 -18.81
CA TYR A 71 19.26 17.98 -17.55
C TYR A 71 17.89 17.45 -17.17
N ALA A 72 17.84 16.18 -16.74
CA ALA A 72 16.61 15.55 -16.35
C ALA A 72 16.69 15.12 -14.89
N ASP A 73 15.70 15.53 -14.10
CA ASP A 73 15.60 15.17 -12.69
C ASP A 73 14.32 14.40 -12.46
N SER A 74 14.41 13.26 -11.79
CA SER A 74 13.27 12.38 -11.56
C SER A 74 13.07 12.16 -10.07
N PHE A 75 11.82 12.23 -9.64
CA PHE A 75 11.47 11.97 -8.24
C PHE A 75 9.97 11.73 -8.16
N VAL A 76 9.53 11.33 -6.97
CA VAL A 76 8.13 11.01 -6.72
C VAL A 76 7.66 11.81 -5.52
N ILE A 77 6.54 12.51 -5.68
CA ILE A 77 5.96 13.35 -4.64
C ILE A 77 4.46 13.13 -4.61
N ARG A 78 3.80 13.75 -3.64
CA ARG A 78 2.38 13.54 -3.40
C ARG A 78 1.55 14.17 -4.52
N GLY A 79 0.24 14.04 -4.41
CA GLY A 79 -0.67 14.52 -5.43
C GLY A 79 -0.93 16.01 -5.37
N ASP A 80 -1.47 16.49 -4.25
CA ASP A 80 -1.77 17.91 -4.08
C ASP A 80 -0.53 18.72 -3.75
N GLU A 81 0.65 18.14 -3.90
CA GLU A 81 1.90 18.77 -3.51
C GLU A 81 2.81 19.01 -4.72
N VAL A 82 2.35 18.67 -5.93
CA VAL A 82 3.12 18.95 -7.15
C VAL A 82 3.04 20.40 -7.58
N ARG A 83 2.09 21.17 -7.03
CA ARG A 83 1.99 22.58 -7.42
C ARG A 83 3.21 23.38 -7.00
N GLN A 84 4.01 22.87 -6.06
CA GLN A 84 5.19 23.58 -5.60
C GLN A 84 6.35 23.48 -6.56
N ILE A 85 6.25 22.65 -7.60
CA ILE A 85 7.34 22.53 -8.59
C ILE A 85 7.06 23.60 -9.64
N ALA A 86 7.50 24.82 -9.34
CA ALA A 86 7.33 25.99 -10.18
C ALA A 86 8.19 27.12 -9.64
N PRO A 87 8.69 28.01 -10.49
CA PRO A 87 9.52 29.11 -9.98
C PRO A 87 8.75 29.99 -9.01
N GLY A 88 9.45 30.46 -7.98
CA GLY A 88 8.86 31.35 -7.01
C GLY A 88 7.67 30.79 -6.25
N GLN A 89 7.82 29.57 -5.73
CA GLN A 89 6.76 28.91 -4.99
C GLN A 89 7.24 28.58 -3.58
N THR A 90 6.28 28.44 -2.66
CA THR A 90 6.57 28.19 -1.26
C THR A 90 5.93 26.88 -0.81
N GLY A 91 6.54 26.26 0.18
CA GLY A 91 6.06 24.99 0.69
C GLY A 91 7.22 24.15 1.19
N LYS A 92 6.90 22.98 1.73
CA LYS A 92 7.94 22.08 2.27
C LYS A 92 8.89 21.64 1.15
N ILE A 93 8.35 21.23 0.00
CA ILE A 93 9.20 20.75 -1.08
C ILE A 93 10.14 21.86 -1.56
N ALA A 94 9.59 23.03 -1.84
CA ALA A 94 10.40 24.13 -2.34
C ALA A 94 11.42 24.57 -1.30
N ASP A 95 11.03 24.60 -0.03
CA ASP A 95 11.93 25.09 1.01
C ASP A 95 13.07 24.11 1.27
N TYR A 96 12.76 22.82 1.40
CA TYR A 96 13.73 21.88 1.93
C TYR A 96 14.06 20.69 1.04
N ASN A 97 13.42 20.55 -0.12
CA ASN A 97 13.63 19.38 -0.96
C ASN A 97 14.17 19.70 -2.33
N TYR A 98 13.58 20.66 -3.04
CA TYR A 98 13.97 20.92 -4.42
C TYR A 98 13.56 22.36 -4.76
N LYS A 99 14.60 23.19 -4.95
CA LYS A 99 14.36 24.63 -5.22
C LYS A 99 14.66 24.97 -6.68
N LEU A 100 13.70 25.57 -7.36
CA LEU A 100 13.82 26.03 -8.74
C LEU A 100 14.15 27.51 -8.79
N PRO A 101 15.06 27.93 -9.67
CA PRO A 101 15.39 29.36 -9.75
C PRO A 101 14.20 30.16 -10.24
N ASP A 102 14.17 31.43 -9.84
CA ASP A 102 13.04 32.30 -10.19
C ASP A 102 12.94 32.47 -11.70
N ASP A 103 14.08 32.59 -12.39
CA ASP A 103 14.12 32.76 -13.82
C ASP A 103 14.33 31.44 -14.57
N PHE A 104 13.79 30.35 -14.04
CA PHE A 104 13.98 29.04 -14.64
C PHE A 104 13.36 29.00 -16.03
N THR A 105 14.05 28.34 -16.96
CA THR A 105 13.59 28.19 -18.34
C THR A 105 13.62 26.72 -18.70
N GLY A 106 12.43 26.12 -18.85
CA GLY A 106 12.34 24.70 -19.10
C GLY A 106 10.90 24.24 -18.99
N CYS A 107 10.72 22.93 -18.85
CA CYS A 107 9.40 22.33 -18.77
C CYS A 107 9.38 21.30 -17.66
N VAL A 108 8.21 21.16 -17.03
CA VAL A 108 8.00 20.23 -15.93
C VAL A 108 6.97 19.20 -16.36
N ILE A 109 7.26 17.93 -16.07
CA ILE A 109 6.42 16.81 -16.48
C ILE A 109 5.90 16.12 -15.23
N ALA A 110 4.62 15.77 -15.24
CA ALA A 110 4.04 15.08 -14.09
C ALA A 110 2.85 14.24 -14.54
N TRP A 111 2.84 12.97 -14.14
CA TRP A 111 1.74 12.09 -14.45
C TRP A 111 1.51 11.16 -13.27
N ASN A 112 0.25 10.76 -13.09
CA ASN A 112 -0.10 9.91 -11.95
C ASN A 112 0.58 8.56 -12.06
N SER A 113 0.97 8.00 -10.92
CA SER A 113 1.68 6.73 -10.88
C SER A 113 1.14 5.85 -9.77
N ASN A 114 -0.18 5.81 -9.62
CA ASN A 114 -0.82 4.98 -8.56
C ASN A 114 -0.74 3.50 -8.94
N ASN A 115 -0.43 3.20 -10.20
CA ASN A 115 -0.47 1.77 -10.65
C ASN A 115 0.83 1.05 -10.31
N LEU A 116 1.90 1.77 -9.92
CA LEU A 116 3.17 1.10 -9.71
C LEU A 116 3.76 1.40 -8.34
N ASP A 117 3.54 2.62 -7.83
CA ASP A 117 4.21 3.05 -6.57
C ASP A 117 3.27 3.03 -5.36
N SER A 118 2.23 2.19 -5.38
CA SER A 118 1.33 2.07 -4.20
C SER A 118 1.21 0.61 -3.77
N LYS A 119 1.63 0.31 -2.53
CA LYS A 119 1.52 -1.07 -1.99
C LYS A 119 0.32 -1.13 -1.04
N VAL A 120 -0.45 -2.22 -1.08
CA VAL A 120 -1.68 -2.32 -0.23
C VAL A 120 -1.29 -2.20 1.25
N GLY A 121 -0.13 -2.76 1.64
CA GLY A 121 0.34 -2.61 3.03
C GLY A 121 0.91 -1.22 3.27
N GLY A 122 1.64 -0.68 2.29
CA GLY A 122 2.26 0.66 2.42
C GLY A 122 3.64 0.68 1.80
N ASN A 123 3.87 1.58 0.83
CA ASN A 123 5.18 1.69 0.20
C ASN A 123 6.01 2.70 0.97
N TYR A 124 7.16 2.26 1.50
CA TYR A 124 7.97 3.17 2.35
C TYR A 124 9.35 3.40 1.74
N ASN A 125 9.51 3.18 0.43
CA ASN A 125 10.78 3.48 -0.22
C ASN A 125 10.98 4.96 -0.50
N TYR A 126 9.91 5.74 -0.33
CA TYR A 126 9.96 7.19 -0.70
C TYR A 126 9.93 8.06 0.55
N LEU A 127 10.91 8.94 0.72
CA LEU A 127 11.03 9.79 1.89
C LEU A 127 11.18 11.23 1.44
N TYR A 128 10.66 12.15 2.27
CA TYR A 128 10.79 13.60 1.99
C TYR A 128 11.33 14.27 3.26
N ARG A 129 12.26 15.20 3.09
CA ARG A 129 12.88 15.88 4.21
C ARG A 129 11.96 16.95 4.78
N LEU A 130 11.93 17.05 6.11
CA LEU A 130 11.05 17.98 6.80
C LEU A 130 11.75 19.22 7.31
N PHE A 131 13.01 19.13 7.74
CA PHE A 131 13.69 20.22 8.38
C PHE A 131 15.04 20.45 7.74
N ARG A 132 15.50 21.70 7.80
CA ARG A 132 16.89 22.04 7.49
C ARG A 132 17.19 23.37 8.17
N LYS A 133 18.48 23.65 8.36
CA LYS A 133 18.88 24.91 8.97
C LYS A 133 18.46 26.11 8.14
N SER A 134 18.63 26.00 6.82
CA SER A 134 18.30 27.10 5.92
C SER A 134 17.67 26.54 4.65
N ASN A 135 17.10 27.45 3.86
CA ASN A 135 16.49 27.07 2.60
C ASN A 135 17.52 26.55 1.61
N LEU A 136 17.10 25.60 0.79
CA LEU A 136 17.97 25.10 -0.27
C LEU A 136 18.21 26.19 -1.31
N LYS A 137 19.45 26.28 -1.77
CA LYS A 137 19.74 27.10 -2.93
C LYS A 137 19.13 26.45 -4.17
N PRO A 138 18.95 27.22 -5.25
CA PRO A 138 18.42 26.63 -6.48
C PRO A 138 19.34 25.55 -7.03
N PHE A 139 18.77 24.36 -7.25
CA PHE A 139 19.46 23.22 -7.86
C PHE A 139 20.64 22.72 -7.03
N GLU A 140 20.34 22.32 -5.79
CA GLU A 140 21.25 21.52 -4.99
C GLU A 140 20.47 20.48 -4.20
N ARG A 141 21.24 19.51 -3.66
CA ARG A 141 20.60 18.39 -2.93
C ARG A 141 21.24 18.22 -1.55
N ASP A 142 20.48 17.73 -0.59
CA ASP A 142 20.94 17.47 0.77
C ASP A 142 20.77 15.98 1.05
N ILE A 143 21.83 15.34 1.54
CA ILE A 143 21.83 13.90 1.74
C ILE A 143 22.13 13.57 3.19
N SER A 144 22.78 14.48 3.90
CA SER A 144 23.10 14.26 5.30
C SER A 144 21.81 14.12 6.11
N THR A 145 21.85 13.29 7.14
CA THR A 145 20.68 12.96 7.93
C THR A 145 20.98 13.15 9.42
N GLU A 146 21.56 14.29 9.76
CA GLU A 146 21.81 14.62 11.15
C GLU A 146 20.51 15.01 11.86
N ILE A 147 20.53 14.88 13.18
CA ILE A 147 19.34 15.20 13.97
C ILE A 147 19.12 16.71 13.96
N TYR A 148 17.89 17.12 13.67
CA TYR A 148 17.58 18.53 13.54
C TYR A 148 17.44 19.18 14.91
N GLN A 149 18.28 20.17 15.19
CA GLN A 149 18.26 20.89 16.46
C GLN A 149 17.05 21.79 16.48
N ALA A 150 15.92 21.27 17.00
CA ALA A 150 14.70 22.07 17.02
C ALA A 150 14.77 23.20 18.04
N GLY A 151 15.34 22.92 19.21
CA GLY A 151 15.46 23.94 20.24
C GLY A 151 16.89 24.37 20.48
N SER A 152 17.28 24.50 21.74
CA SER A 152 18.63 24.92 22.09
C SER A 152 19.40 23.88 22.89
N THR A 153 18.77 22.79 23.30
CA THR A 153 19.50 21.71 23.97
C THR A 153 20.26 20.91 22.93
N PRO A 154 21.59 20.82 23.02
CA PRO A 154 22.36 20.12 21.98
C PRO A 154 21.95 18.66 21.87
N CYS A 155 21.75 18.20 20.64
CA CYS A 155 21.35 16.82 20.42
C CYS A 155 22.49 15.85 20.69
N ASN A 156 23.71 16.23 20.28
CA ASN A 156 24.89 15.37 20.42
C ASN A 156 24.68 14.00 19.78
N GLY A 157 23.91 13.97 18.68
CA GLY A 157 23.68 12.74 17.96
C GLY A 157 22.69 11.79 18.60
N VAL A 158 21.99 12.21 19.65
CA VAL A 158 21.03 11.37 20.34
C VAL A 158 19.66 12.01 20.23
N GLU A 159 18.70 11.23 19.70
CA GLU A 159 17.32 11.74 19.50
C GLU A 159 16.65 11.98 20.85
N GLY A 160 16.01 13.13 21.01
CA GLY A 160 15.33 13.50 22.24
C GLY A 160 14.35 14.61 22.01
N PHE A 161 13.90 15.22 23.11
CA PHE A 161 13.01 16.37 23.01
C PHE A 161 13.67 17.49 22.23
N ASN A 162 12.92 18.05 21.28
CA ASN A 162 13.43 19.06 20.36
C ASN A 162 14.62 18.58 19.55
N CYS A 163 14.74 17.26 19.38
CA CYS A 163 15.78 16.64 18.57
C CYS A 163 15.08 15.62 17.67
N TYR A 164 14.66 16.07 16.50
CA TYR A 164 13.82 15.26 15.62
C TYR A 164 14.62 14.68 14.48
N PHE A 165 14.04 13.66 13.84
CA PHE A 165 14.57 13.04 12.64
C PHE A 165 14.01 13.74 11.41
N PRO A 166 14.86 14.25 10.50
CA PRO A 166 14.35 15.10 9.42
C PRO A 166 13.64 14.36 8.31
N LEU A 167 13.94 13.08 8.07
CA LEU A 167 13.37 12.34 6.96
C LEU A 167 12.15 11.54 7.43
N GLN A 168 11.04 11.76 6.72
CA GLN A 168 9.77 11.04 6.99
C GLN A 168 9.33 10.40 5.66
N SER A 169 8.75 9.21 5.70
CA SER A 169 8.40 8.48 4.49
C SER A 169 6.91 8.57 4.20
N TYR A 170 6.56 8.71 2.92
CA TYR A 170 5.17 8.68 2.51
C TYR A 170 4.57 7.31 2.74
N GLY A 171 3.34 7.29 3.24
CA GLY A 171 2.60 6.05 3.38
C GLY A 171 1.72 5.75 2.20
N PHE A 172 2.32 5.53 1.03
CA PHE A 172 1.53 5.35 -0.19
C PHE A 172 0.71 4.07 -0.11
N GLN A 173 -0.53 4.14 -0.60
CA GLN A 173 -1.46 3.00 -0.49
C GLN A 173 -2.59 3.21 -1.49
N PRO A 174 -3.07 2.18 -2.21
CA PRO A 174 -4.10 2.36 -3.23
C PRO A 174 -5.39 2.96 -2.70
N THR A 175 -5.67 2.84 -1.41
CA THR A 175 -6.89 3.39 -0.82
C THR A 175 -6.86 4.90 -0.75
N ASN A 176 -5.69 5.52 -0.83
CA ASN A 176 -5.58 6.96 -0.65
C ASN A 176 -6.39 7.72 -1.71
N GLY A 177 -6.77 8.94 -1.37
CA GLY A 177 -7.51 9.77 -2.29
C GLY A 177 -6.66 10.28 -3.43
N VAL A 178 -7.30 11.04 -4.32
CA VAL A 178 -6.60 11.56 -5.49
C VAL A 178 -5.49 12.52 -5.07
N GLY A 179 -5.72 13.30 -4.01
CA GLY A 179 -4.75 14.25 -3.54
C GLY A 179 -3.57 13.65 -2.80
N TYR A 180 -3.61 12.34 -2.54
CA TYR A 180 -2.53 11.69 -1.77
C TYR A 180 -1.89 10.54 -2.57
N GLN A 181 -2.27 10.38 -3.84
CA GLN A 181 -1.64 9.36 -4.67
C GLN A 181 -0.31 9.86 -5.21
N PRO A 182 0.65 8.96 -5.43
CA PRO A 182 1.96 9.39 -5.93
C PRO A 182 1.87 9.97 -7.33
N TYR A 183 2.76 10.93 -7.60
CA TYR A 183 2.84 11.60 -8.89
C TYR A 183 4.30 11.67 -9.31
N ARG A 184 4.65 10.87 -10.34
CA ARG A 184 6.02 10.90 -10.90
C ARG A 184 6.26 12.28 -11.50
N VAL A 185 7.45 12.82 -11.32
CA VAL A 185 7.79 14.14 -11.83
C VAL A 185 9.13 14.08 -12.53
N VAL A 186 9.21 14.69 -13.71
CA VAL A 186 10.47 14.83 -14.45
C VAL A 186 10.61 16.30 -14.84
N VAL A 187 11.77 16.88 -14.55
CA VAL A 187 12.02 18.30 -14.81
C VAL A 187 13.17 18.40 -15.81
N LEU A 188 12.91 19.08 -16.92
CA LEU A 188 13.89 19.28 -17.98
C LEU A 188 14.40 20.72 -17.93
N SER A 189 15.71 20.88 -17.94
CA SER A 189 16.34 22.20 -17.90
C SER A 189 17.15 22.42 -19.17
N PHE A 190 17.07 23.64 -19.71
CA PHE A 190 17.74 24.00 -20.94
C PHE A 190 18.72 25.13 -20.67
N GLU A 191 19.96 24.97 -21.13
CA GLU A 191 21.01 25.95 -20.90
C GLU A 191 21.55 26.50 -22.21
N LEU A 192 21.92 27.78 -22.19
CA LEU A 192 22.67 28.42 -23.25
C LEU A 192 23.97 28.96 -22.66
N LEU A 193 25.10 28.61 -23.25
CA LEU A 193 26.39 29.06 -22.75
C LEU A 193 27.40 28.99 -23.87
N HIS A 194 28.58 29.56 -23.61
CA HIS A 194 29.62 29.74 -24.64
C HIS A 194 30.28 28.39 -24.92
N ALA A 195 29.60 27.60 -25.76
CA ALA A 195 30.10 26.31 -26.18
C ALA A 195 29.40 25.93 -27.47
N PRO A 196 29.99 25.03 -28.26
CA PRO A 196 29.31 24.59 -29.49
C PRO A 196 27.98 23.92 -29.18
N ALA A 197 27.00 24.16 -30.03
CA ALA A 197 25.67 23.60 -29.86
C ALA A 197 25.67 22.12 -30.25
N THR A 198 25.09 21.29 -29.40
CA THR A 198 25.08 19.84 -29.61
C THR A 198 23.68 19.30 -29.84
N VAL A 199 22.75 19.53 -28.92
CA VAL A 199 21.40 19.00 -29.03
C VAL A 199 20.60 19.85 -30.01
N CYS A 200 19.80 19.18 -30.84
CA CYS A 200 18.96 19.86 -31.80
C CYS A 200 17.68 19.06 -31.98
N GLY A 201 16.65 19.73 -32.51
CA GLY A 201 15.45 19.05 -32.92
C GLY A 201 15.64 18.42 -34.28
N PRO A 202 14.81 17.43 -34.61
CA PRO A 202 14.93 16.80 -35.93
C PRO A 202 14.63 17.80 -37.04
N LYS A 203 15.37 17.67 -38.14
CA LYS A 203 15.22 18.55 -39.30
C LYS A 203 14.61 17.73 -40.43
N LYS A 204 13.31 17.92 -40.66
CA LYS A 204 12.64 17.18 -41.72
C LYS A 204 13.09 17.67 -43.09
N SER A 205 13.17 16.74 -44.03
CA SER A 205 13.62 17.05 -45.39
C SER A 205 12.58 16.62 -46.43
N ASP B 1 -13.69 -8.68 2.98
CA ASP B 1 -13.44 -9.54 1.82
C ASP B 1 -13.96 -8.94 0.52
N ILE B 2 -13.97 -9.75 -0.54
CA ILE B 2 -14.45 -9.30 -1.85
C ILE B 2 -14.88 -10.53 -2.63
N GLN B 3 -15.87 -10.33 -3.52
CA GLN B 3 -16.38 -11.39 -4.38
C GLN B 3 -16.47 -10.88 -5.81
N MET B 4 -16.26 -11.78 -6.76
CA MET B 4 -16.18 -11.43 -8.17
C MET B 4 -17.07 -12.38 -8.96
N THR B 5 -17.90 -11.84 -9.86
CA THR B 5 -18.90 -12.62 -10.56
C THR B 5 -18.82 -12.39 -12.07
N GLN B 6 -19.33 -13.36 -12.82
CA GLN B 6 -19.42 -13.30 -14.27
C GLN B 6 -20.88 -13.55 -14.67
N SER B 7 -21.55 -12.53 -15.18
CA SER B 7 -22.96 -12.69 -15.55
C SER B 7 -23.17 -13.71 -16.66
N PRO B 8 -22.46 -13.66 -17.79
CA PRO B 8 -22.64 -14.69 -18.80
C PRO B 8 -21.62 -15.81 -18.67
N SER B 9 -22.05 -17.01 -19.04
CA SER B 9 -21.19 -18.19 -19.03
C SER B 9 -20.90 -18.71 -20.42
N SER B 10 -21.91 -18.80 -21.28
CA SER B 10 -21.72 -19.24 -22.65
C SER B 10 -22.46 -18.28 -23.58
N LEU B 11 -21.79 -17.88 -24.66
CA LEU B 11 -22.37 -16.96 -25.62
C LEU B 11 -22.23 -17.51 -27.03
N SER B 12 -23.15 -17.11 -27.90
CA SER B 12 -23.14 -17.50 -29.30
C SER B 12 -23.27 -16.26 -30.17
N ALA B 13 -22.52 -16.23 -31.26
CA ALA B 13 -22.54 -15.10 -32.19
C ALA B 13 -22.02 -15.58 -33.55
N SER B 14 -21.83 -14.64 -34.46
CA SER B 14 -21.26 -14.95 -35.77
C SER B 14 -20.06 -14.08 -36.04
N VAL B 15 -19.54 -14.12 -37.27
CA VAL B 15 -18.35 -13.34 -37.60
C VAL B 15 -18.69 -11.85 -37.69
N GLY B 16 -19.96 -11.51 -37.87
CA GLY B 16 -20.33 -10.13 -38.09
C GLY B 16 -21.23 -9.52 -37.04
N ASP B 17 -20.96 -9.78 -35.76
CA ASP B 17 -21.79 -9.29 -34.67
C ASP B 17 -20.92 -8.52 -33.68
N ARG B 18 -21.53 -8.14 -32.55
CA ARG B 18 -20.83 -7.48 -31.45
C ARG B 18 -21.20 -8.19 -30.15
N VAL B 19 -20.22 -8.35 -29.27
CA VAL B 19 -20.39 -9.12 -28.04
C VAL B 19 -19.94 -8.26 -26.86
N THR B 20 -20.76 -8.25 -25.81
CA THR B 20 -20.44 -7.55 -24.57
C THR B 20 -20.53 -8.52 -23.40
N ILE B 21 -19.50 -8.52 -22.57
CA ILE B 21 -19.45 -9.37 -21.38
C ILE B 21 -19.24 -8.47 -20.18
N THR B 22 -20.03 -8.66 -19.13
CA THR B 22 -19.99 -7.81 -17.95
C THR B 22 -19.43 -8.57 -16.75
N CYS B 23 -18.62 -7.87 -15.97
CA CYS B 23 -18.00 -8.41 -14.76
C CYS B 23 -18.40 -7.54 -13.58
N ARG B 24 -18.87 -8.17 -12.51
CA ARG B 24 -19.41 -7.44 -11.36
C ARG B 24 -18.63 -7.81 -10.12
N ALA B 25 -18.36 -6.81 -9.28
CA ALA B 25 -17.59 -6.98 -8.06
C ALA B 25 -18.49 -6.77 -6.85
N SER B 26 -18.10 -7.38 -5.72
CA SER B 26 -18.89 -7.26 -4.50
C SER B 26 -18.75 -5.87 -3.88
N GLN B 27 -17.57 -5.27 -3.98
CA GLN B 27 -17.31 -3.96 -3.39
C GLN B 27 -16.61 -3.09 -4.42
N SER B 28 -16.61 -1.78 -4.14
CA SER B 28 -15.95 -0.83 -5.04
C SER B 28 -14.47 -1.12 -5.14
N ILE B 29 -13.96 -1.12 -6.37
CA ILE B 29 -12.53 -1.33 -6.63
C ILE B 29 -11.88 -0.14 -7.31
N SER B 30 -12.65 0.87 -7.72
CA SER B 30 -12.12 2.12 -8.27
C SER B 30 -11.26 1.87 -9.50
N SER B 31 -11.89 1.34 -10.54
CA SER B 31 -11.34 1.24 -11.88
C SER B 31 -10.09 0.37 -11.94
N TYR B 32 -9.96 -0.59 -11.01
CA TYR B 32 -8.79 -1.50 -11.01
C TYR B 32 -9.24 -2.91 -11.40
N LEU B 33 -9.42 -3.13 -12.71
CA LEU B 33 -9.84 -4.42 -13.23
C LEU B 33 -9.02 -4.75 -14.45
N ASN B 34 -8.84 -6.05 -14.70
CA ASN B 34 -8.04 -6.51 -15.83
C ASN B 34 -8.75 -7.65 -16.53
N TRP B 35 -8.64 -7.68 -17.85
CA TRP B 35 -9.28 -8.69 -18.68
C TRP B 35 -8.21 -9.51 -19.38
N PHE B 36 -8.35 -10.83 -19.34
CA PHE B 36 -7.38 -11.75 -19.93
C PHE B 36 -8.05 -12.59 -21.00
N GLN B 37 -7.34 -12.82 -22.10
CA GLN B 37 -7.78 -13.73 -23.16
C GLN B 37 -7.00 -15.02 -23.02
N HIS B 38 -7.68 -16.10 -22.67
CA HIS B 38 -7.06 -17.39 -22.44
C HIS B 38 -7.45 -18.33 -23.58
N LYS B 39 -6.54 -18.51 -24.53
CA LYS B 39 -6.74 -19.54 -25.53
C LYS B 39 -6.63 -20.92 -24.89
N PRO B 40 -7.48 -21.86 -25.28
CA PRO B 40 -7.43 -23.19 -24.64
C PRO B 40 -6.14 -23.96 -24.91
N GLY B 41 -5.37 -23.58 -25.92
CA GLY B 41 -4.20 -24.36 -26.27
C GLY B 41 -2.85 -23.75 -25.92
N LYS B 42 -2.87 -22.47 -25.56
CA LYS B 42 -1.59 -21.78 -25.27
C LYS B 42 -1.69 -21.00 -23.97
N ALA B 43 -0.71 -20.13 -23.73
CA ALA B 43 -0.66 -19.31 -22.52
C ALA B 43 -1.63 -18.13 -22.61
N PRO B 44 -2.38 -17.86 -21.55
CA PRO B 44 -3.33 -16.75 -21.60
C PRO B 44 -2.62 -15.41 -21.75
N LYS B 45 -3.33 -14.45 -22.35
CA LYS B 45 -2.77 -13.15 -22.66
C LYS B 45 -3.66 -12.05 -22.08
N LEU B 46 -3.02 -10.97 -21.67
CA LEU B 46 -3.73 -9.80 -21.15
C LEU B 46 -4.16 -8.89 -22.29
N LEU B 47 -5.38 -8.38 -22.21
CA LEU B 47 -5.91 -7.44 -23.18
C LEU B 47 -6.01 -6.03 -22.65
N ILE B 48 -6.65 -5.86 -21.49
CA ILE B 48 -6.96 -4.55 -20.94
C ILE B 48 -6.39 -4.45 -19.54
N TYR B 49 -5.48 -3.51 -19.32
CA TYR B 49 -5.04 -3.16 -17.98
C TYR B 49 -5.75 -1.89 -17.56
N GLY B 50 -6.05 -1.78 -16.27
CA GLY B 50 -6.89 -0.69 -15.80
C GLY B 50 -8.30 -0.87 -16.32
N ALA B 51 -9.14 0.12 -16.00
CA ALA B 51 -10.57 0.00 -16.34
C ALA B 51 -10.77 -0.05 -17.85
N SER B 52 -10.23 0.91 -18.59
CA SER B 52 -10.48 1.02 -20.02
C SER B 52 -9.22 1.40 -20.77
N SER B 53 -8.07 0.84 -20.40
CA SER B 53 -6.83 1.08 -21.10
C SER B 53 -6.42 -0.18 -21.84
N LEU B 54 -6.14 -0.04 -23.13
CA LEU B 54 -5.89 -1.18 -24.01
C LEU B 54 -4.38 -1.40 -24.11
N GLN B 55 -3.95 -2.64 -23.94
CA GLN B 55 -2.54 -2.96 -23.95
C GLN B 55 -1.96 -2.83 -25.36
N SER B 56 -0.65 -2.60 -25.44
CA SER B 56 0.00 -2.43 -26.72
C SER B 56 0.06 -3.74 -27.49
N GLY B 57 -0.12 -3.66 -28.81
CA GLY B 57 0.06 -4.80 -29.68
C GLY B 57 -1.17 -5.65 -29.91
N VAL B 58 -2.26 -5.39 -29.21
CA VAL B 58 -3.49 -6.17 -29.39
C VAL B 58 -4.44 -5.35 -30.26
N PRO B 59 -5.35 -6.00 -30.99
CA PRO B 59 -6.23 -5.25 -31.89
C PRO B 59 -7.13 -4.29 -31.13
N SER B 60 -7.48 -3.20 -31.80
CA SER B 60 -8.36 -2.19 -31.22
C SER B 60 -9.83 -2.61 -31.22
N ARG B 61 -10.13 -3.81 -31.71
CA ARG B 61 -11.52 -4.28 -31.70
C ARG B 61 -12.04 -4.45 -30.28
N PHE B 62 -11.19 -4.97 -29.38
CA PHE B 62 -11.58 -5.09 -27.98
C PHE B 62 -11.66 -3.71 -27.35
N SER B 63 -12.79 -3.43 -26.70
CA SER B 63 -12.99 -2.14 -26.04
C SER B 63 -13.60 -2.36 -24.68
N GLY B 64 -12.96 -1.83 -23.64
CA GLY B 64 -13.45 -1.97 -22.29
C GLY B 64 -14.00 -0.68 -21.74
N SER B 65 -14.87 -0.77 -20.74
CA SER B 65 -15.49 0.41 -20.14
C SER B 65 -16.00 0.05 -18.75
N GLY B 66 -16.41 1.06 -18.02
CA GLY B 66 -17.00 0.86 -16.71
C GLY B 66 -16.08 1.32 -15.60
N SER B 67 -16.68 1.67 -14.46
CA SER B 67 -15.87 2.10 -13.27
C SER B 67 -16.61 1.73 -11.99
N GLY B 68 -15.94 1.86 -10.84
CA GLY B 68 -16.60 1.59 -9.54
C GLY B 68 -16.79 0.11 -9.27
N THR B 69 -18.00 -0.41 -9.52
CA THR B 69 -18.29 -1.83 -9.18
C THR B 69 -18.62 -2.65 -10.44
N ASP B 70 -19.34 -2.08 -11.40
CA ASP B 70 -19.75 -2.86 -12.55
C ASP B 70 -18.89 -2.49 -13.76
N PHE B 71 -18.41 -3.51 -14.47
CA PHE B 71 -17.52 -3.32 -15.61
C PHE B 71 -18.02 -4.15 -16.78
N THR B 72 -17.50 -3.84 -17.97
CA THR B 72 -17.97 -4.51 -19.17
C THR B 72 -16.88 -4.45 -20.23
N LEU B 73 -16.70 -5.56 -20.96
CA LEU B 73 -15.82 -5.63 -22.11
C LEU B 73 -16.65 -5.79 -23.37
N THR B 74 -16.31 -5.02 -24.39
CA THR B 74 -17.05 -5.01 -25.65
C THR B 74 -16.11 -5.36 -26.81
N ILE B 75 -16.61 -6.19 -27.72
CA ILE B 75 -15.89 -6.56 -28.93
C ILE B 75 -16.74 -6.16 -30.12
N SER B 76 -16.11 -5.57 -31.14
CA SER B 76 -16.83 -4.94 -32.24
C SER B 76 -16.95 -5.81 -33.48
N SER B 77 -15.87 -6.44 -33.93
CA SER B 77 -15.84 -7.07 -35.24
C SER B 77 -15.97 -8.59 -35.21
N LEU B 78 -15.50 -9.27 -34.16
CA LEU B 78 -15.58 -10.72 -34.04
C LEU B 78 -14.89 -11.42 -35.22
N GLN B 79 -13.58 -11.22 -35.30
CA GLN B 79 -12.78 -12.02 -36.21
C GLN B 79 -12.81 -13.48 -35.77
N PRO B 80 -12.67 -14.43 -36.70
CA PRO B 80 -12.92 -15.83 -36.36
C PRO B 80 -11.80 -16.52 -35.61
N GLU B 81 -10.75 -15.81 -35.20
CA GLU B 81 -9.74 -16.34 -34.30
C GLU B 81 -9.95 -15.87 -32.87
N ASP B 82 -11.12 -15.29 -32.58
CA ASP B 82 -11.41 -14.71 -31.27
C ASP B 82 -12.22 -15.64 -30.38
N PHE B 83 -11.98 -16.94 -30.46
CA PHE B 83 -12.58 -17.90 -29.54
C PHE B 83 -11.61 -18.18 -28.41
N ALA B 84 -12.07 -18.00 -27.17
CA ALA B 84 -11.24 -18.19 -25.99
C ALA B 84 -12.14 -18.12 -24.76
N THR B 85 -11.53 -18.16 -23.59
CA THR B 85 -12.22 -17.94 -22.32
C THR B 85 -11.65 -16.68 -21.68
N TYR B 86 -12.52 -15.79 -21.23
CA TYR B 86 -12.11 -14.48 -20.74
C TYR B 86 -12.40 -14.38 -19.24
N TYR B 87 -11.42 -13.87 -18.50
CA TYR B 87 -11.52 -13.72 -17.06
C TYR B 87 -11.29 -12.26 -16.68
N CYS B 88 -11.97 -11.82 -15.61
CA CYS B 88 -11.79 -10.48 -15.07
C CYS B 88 -11.16 -10.61 -13.69
N GLN B 89 -10.15 -9.78 -13.42
CA GLN B 89 -9.37 -9.84 -12.20
C GLN B 89 -9.33 -8.48 -11.53
N GLN B 90 -9.46 -8.46 -10.21
CA GLN B 90 -9.34 -7.24 -9.42
C GLN B 90 -7.98 -7.23 -8.71
N SER B 91 -7.39 -6.05 -8.60
CA SER B 91 -6.09 -5.88 -7.95
C SER B 91 -6.12 -4.69 -7.01
N TYR B 92 -7.13 -4.64 -6.14
CA TYR B 92 -7.28 -3.44 -5.26
C TYR B 92 -7.62 -3.84 -3.82
N SER B 93 -8.10 -5.07 -3.61
CA SER B 93 -8.57 -5.47 -2.30
C SER B 93 -7.53 -6.31 -1.57
N THR B 94 -7.82 -6.62 -0.30
CA THR B 94 -6.91 -7.42 0.50
C THR B 94 -6.73 -8.85 -0.02
N PRO B 95 -7.76 -9.59 -0.45
CA PRO B 95 -7.51 -10.88 -1.09
C PRO B 95 -6.86 -10.67 -2.44
N PRO B 96 -5.59 -11.02 -2.58
CA PRO B 96 -4.81 -10.53 -3.72
C PRO B 96 -5.17 -11.25 -5.01
N TYR B 97 -5.42 -10.47 -6.05
CA TYR B 97 -5.56 -10.96 -7.42
C TYR B 97 -6.62 -12.05 -7.52
N THR B 98 -7.86 -11.68 -7.21
CA THR B 98 -8.98 -12.60 -7.29
C THR B 98 -9.48 -12.69 -8.73
N PHE B 99 -9.63 -13.91 -9.22
CA PHE B 99 -10.09 -14.16 -10.59
C PHE B 99 -11.56 -14.51 -10.58
N GLY B 100 -12.31 -13.99 -11.54
CA GLY B 100 -13.65 -14.45 -11.77
C GLY B 100 -13.67 -15.77 -12.50
N GLN B 101 -14.85 -16.37 -12.58
CA GLN B 101 -14.97 -17.64 -13.28
C GLN B 101 -14.85 -17.42 -14.79
N GLY B 102 -14.81 -18.52 -15.53
CA GLY B 102 -14.65 -18.43 -16.96
C GLY B 102 -15.88 -17.91 -17.66
N THR B 103 -15.68 -17.46 -18.90
CA THR B 103 -16.76 -16.98 -19.77
C THR B 103 -16.50 -17.54 -21.16
N LYS B 104 -17.05 -18.72 -21.43
CA LYS B 104 -16.84 -19.37 -22.71
C LYS B 104 -17.54 -18.61 -23.82
N LEU B 105 -16.85 -18.45 -24.95
CA LEU B 105 -17.37 -17.72 -26.10
C LEU B 105 -17.19 -18.59 -27.35
N GLU B 106 -18.30 -19.08 -27.89
CA GLU B 106 -18.31 -19.86 -29.11
C GLU B 106 -19.14 -19.15 -30.17
N ILE B 107 -18.81 -19.41 -31.43
CA ILE B 107 -19.46 -18.76 -32.56
C ILE B 107 -20.21 -19.81 -33.37
N LYS B 108 -21.41 -19.46 -33.82
CA LYS B 108 -22.22 -20.38 -34.60
C LYS B 108 -23.16 -19.64 -35.54
N GLU C 1 7.73 -11.12 -27.09
CA GLU C 1 8.83 -11.96 -27.55
C GLU C 1 9.59 -12.57 -26.39
N VAL C 2 9.22 -12.18 -25.17
CA VAL C 2 9.88 -12.72 -23.99
C VAL C 2 9.55 -14.19 -23.84
N GLN C 3 10.52 -14.95 -23.34
CA GLN C 3 10.40 -16.39 -23.22
C GLN C 3 10.33 -16.80 -21.76
N LEU C 4 9.40 -17.69 -21.45
CA LEU C 4 9.23 -18.22 -20.09
C LEU C 4 8.95 -19.71 -20.24
N VAL C 5 9.96 -20.54 -20.02
CA VAL C 5 9.86 -21.98 -20.16
C VAL C 5 9.96 -22.61 -18.77
N GLU C 6 9.07 -23.56 -18.50
CA GLU C 6 9.01 -24.20 -17.20
C GLU C 6 9.33 -25.69 -17.34
N SER C 7 9.70 -26.29 -16.21
CA SER C 7 10.04 -27.71 -16.18
C SER C 7 9.76 -28.23 -14.77
N GLY C 8 10.15 -29.47 -14.52
CA GLY C 8 9.98 -30.08 -13.22
C GLY C 8 8.62 -30.71 -12.96
N GLY C 9 7.71 -30.67 -13.93
CA GLY C 9 6.41 -31.26 -13.73
C GLY C 9 6.43 -32.77 -13.91
N GLY C 10 5.35 -33.41 -13.45
CA GLY C 10 5.22 -34.85 -13.57
C GLY C 10 4.17 -35.44 -12.66
N LEU C 11 4.49 -36.56 -12.03
CA LEU C 11 3.60 -37.22 -11.08
C LEU C 11 4.39 -37.61 -9.84
N VAL C 12 3.84 -37.29 -8.66
CA VAL C 12 4.43 -37.68 -7.39
C VAL C 12 3.32 -38.21 -6.49
N GLN C 13 3.72 -39.02 -5.52
CA GLN C 13 2.78 -39.51 -4.53
C GLN C 13 2.37 -38.37 -3.60
N PRO C 14 1.19 -38.47 -2.98
CA PRO C 14 0.79 -37.45 -2.00
C PRO C 14 1.78 -37.39 -0.85
N GLY C 15 2.02 -36.17 -0.36
CA GLY C 15 2.94 -35.94 0.73
C GLY C 15 4.38 -35.74 0.33
N ARG C 16 4.73 -35.96 -0.92
CA ARG C 16 6.09 -35.79 -1.39
C ARG C 16 6.27 -34.36 -1.91
N SER C 17 7.50 -34.03 -2.29
CA SER C 17 7.85 -32.69 -2.73
C SER C 17 8.41 -32.71 -4.14
N LEU C 18 8.23 -31.59 -4.85
CA LEU C 18 8.82 -31.42 -6.17
C LEU C 18 9.10 -29.94 -6.39
N ARG C 19 10.01 -29.67 -7.32
CA ARG C 19 10.46 -28.28 -7.56
C ARG C 19 10.22 -27.87 -9.01
N LEU C 20 9.98 -26.58 -9.23
CA LEU C 20 9.72 -25.99 -10.53
C LEU C 20 10.74 -24.89 -10.81
N SER C 21 11.01 -24.67 -12.09
CA SER C 21 11.90 -23.59 -12.52
C SER C 21 11.29 -22.92 -13.74
N CYS C 22 11.64 -21.65 -13.94
CA CYS C 22 11.08 -20.87 -15.04
C CYS C 22 12.14 -19.89 -15.51
N ALA C 23 12.68 -20.12 -16.70
CA ALA C 23 13.80 -19.35 -17.22
C ALA C 23 13.30 -18.23 -18.12
N ALA C 24 13.79 -17.01 -17.89
CA ALA C 24 13.39 -15.83 -18.64
C ALA C 24 14.60 -15.28 -19.38
N SER C 25 14.42 -14.97 -20.66
CA SER C 25 15.53 -14.47 -21.47
C SER C 25 15.18 -13.28 -22.36
N GLY C 26 13.90 -12.95 -22.54
CA GLY C 26 13.53 -11.90 -23.47
C GLY C 26 13.47 -10.50 -22.92
N PHE C 27 13.83 -10.29 -21.65
CA PHE C 27 13.71 -8.97 -21.04
C PHE C 27 14.70 -8.88 -19.89
N THR C 28 14.76 -7.69 -19.28
CA THR C 28 15.62 -7.49 -18.13
C THR C 28 14.95 -8.07 -16.88
N PHE C 29 15.64 -9.02 -16.25
CA PHE C 29 15.04 -9.82 -15.19
C PHE C 29 15.32 -9.28 -13.79
N ASP C 30 16.36 -8.46 -13.63
CA ASP C 30 16.79 -8.06 -12.30
C ASP C 30 15.90 -7.02 -11.65
N ASP C 31 14.92 -6.46 -12.37
CA ASP C 31 14.13 -5.39 -11.79
C ASP C 31 12.64 -5.48 -12.12
N TYR C 32 12.12 -6.69 -12.32
CA TYR C 32 10.70 -6.95 -12.39
C TYR C 32 10.30 -7.99 -11.36
N ALA C 33 9.01 -7.99 -11.01
CA ALA C 33 8.47 -8.99 -10.10
C ALA C 33 7.83 -10.12 -10.89
N MET C 34 7.73 -11.29 -10.24
CA MET C 34 7.16 -12.47 -10.87
C MET C 34 6.17 -13.14 -9.92
N HIS C 35 5.25 -13.91 -10.51
CA HIS C 35 4.23 -14.62 -9.76
C HIS C 35 4.15 -16.05 -10.27
N TRP C 36 3.33 -16.85 -9.60
CA TRP C 36 2.97 -18.18 -10.05
C TRP C 36 1.46 -18.32 -10.02
N VAL C 37 0.87 -18.74 -11.12
CA VAL C 37 -0.58 -18.80 -11.26
C VAL C 37 -0.97 -20.25 -11.55
N ARG C 38 -1.95 -20.75 -10.82
CA ARG C 38 -2.41 -22.13 -10.92
C ARG C 38 -3.74 -22.18 -11.65
N GLN C 39 -3.87 -23.12 -12.58
CA GLN C 39 -5.12 -23.34 -13.31
C GLN C 39 -5.59 -24.77 -13.01
N ALA C 40 -6.76 -24.87 -12.39
CA ALA C 40 -7.30 -26.18 -12.05
C ALA C 40 -7.63 -26.96 -13.32
N PRO C 41 -7.71 -28.29 -13.23
CA PRO C 41 -8.04 -29.08 -14.42
C PRO C 41 -9.37 -28.72 -15.04
N GLY C 42 -10.37 -28.36 -14.24
CA GLY C 42 -11.66 -28.01 -14.76
C GLY C 42 -12.29 -26.80 -14.13
N LYS C 43 -11.48 -25.88 -13.61
CA LYS C 43 -11.97 -24.66 -12.99
C LYS C 43 -11.14 -23.49 -13.50
N GLY C 44 -11.37 -22.31 -12.92
CA GLY C 44 -10.73 -21.09 -13.36
C GLY C 44 -9.35 -20.90 -12.78
N LEU C 45 -8.71 -19.80 -13.20
CA LEU C 45 -7.38 -19.48 -12.73
C LEU C 45 -7.39 -19.12 -11.25
N GLU C 46 -6.23 -19.26 -10.60
CA GLU C 46 -6.10 -18.93 -9.20
C GLU C 46 -4.66 -18.54 -8.92
N TRP C 47 -4.49 -17.42 -8.20
CA TRP C 47 -3.15 -16.96 -7.83
C TRP C 47 -2.57 -17.86 -6.74
N VAL C 48 -1.25 -17.97 -6.73
CA VAL C 48 -0.58 -18.86 -5.78
C VAL C 48 0.45 -18.11 -4.94
N SER C 49 1.38 -17.41 -5.60
CA SER C 49 2.45 -16.75 -4.88
C SER C 49 2.98 -15.59 -5.69
N GLY C 50 3.99 -14.92 -5.14
CA GLY C 50 4.61 -13.81 -5.82
C GLY C 50 5.85 -13.31 -5.08
N ILE C 51 6.81 -12.77 -5.81
CA ILE C 51 8.05 -12.26 -5.24
C ILE C 51 8.35 -10.89 -5.83
N SER C 52 9.11 -10.10 -5.09
CA SER C 52 9.46 -8.76 -5.53
C SER C 52 10.64 -8.81 -6.48
N TRP C 53 11.08 -7.63 -6.95
CA TRP C 53 12.24 -7.58 -7.83
C TRP C 53 13.49 -8.09 -7.13
N ASN C 54 13.65 -7.73 -5.86
CA ASN C 54 14.61 -8.37 -4.97
C ASN C 54 13.84 -9.06 -3.86
N SER C 55 14.40 -10.14 -3.34
CA SER C 55 13.68 -11.00 -2.41
C SER C 55 13.55 -10.31 -1.07
N ASP C 56 12.64 -9.35 -1.00
CA ASP C 56 12.30 -8.68 0.25
C ASP C 56 10.87 -8.94 0.69
N SER C 57 9.89 -8.74 -0.19
CA SER C 57 8.48 -8.91 0.13
C SER C 57 7.95 -10.11 -0.64
N ILE C 58 7.43 -11.10 0.09
CA ILE C 58 6.90 -12.33 -0.48
C ILE C 58 5.52 -12.57 0.11
N ASP C 59 4.55 -12.86 -0.74
CA ASP C 59 3.20 -13.17 -0.30
C ASP C 59 2.76 -14.50 -0.87
N TYR C 60 1.79 -15.13 -0.21
CA TYR C 60 1.34 -16.46 -0.57
C TYR C 60 -0.17 -16.49 -0.61
N ALA C 61 -0.71 -17.42 -1.39
CA ALA C 61 -2.16 -17.61 -1.40
C ALA C 61 -2.61 -18.21 -0.07
N ASP C 62 -3.86 -17.96 0.30
CA ASP C 62 -4.36 -18.42 1.62
C ASP C 62 -4.33 -19.95 1.70
N SER C 63 -4.71 -20.65 0.62
CA SER C 63 -4.79 -22.10 0.68
C SER C 63 -3.44 -22.79 0.63
N VAL C 64 -2.36 -22.07 0.37
CA VAL C 64 -1.04 -22.68 0.21
C VAL C 64 -0.01 -22.12 1.17
N LYS C 65 -0.47 -21.29 2.13
CA LYS C 65 0.46 -20.75 3.16
C LYS C 65 0.95 -21.90 4.06
N GLY C 66 2.23 -21.91 4.40
CA GLY C 66 2.79 -22.98 5.19
C GLY C 66 3.17 -24.22 4.42
N ARG C 67 3.04 -24.21 3.11
CA ARG C 67 3.42 -25.36 2.30
C ARG C 67 4.38 -25.03 1.18
N PHE C 68 4.21 -23.88 0.53
CA PHE C 68 4.97 -23.52 -0.66
C PHE C 68 6.01 -22.45 -0.32
N THR C 69 7.21 -22.59 -0.89
CA THR C 69 8.28 -21.63 -0.71
C THR C 69 8.80 -21.22 -2.08
N ILE C 70 8.57 -19.97 -2.47
CA ILE C 70 9.03 -19.45 -3.74
C ILE C 70 10.41 -18.81 -3.54
N SER C 71 11.29 -19.00 -4.53
CA SER C 71 12.64 -18.45 -4.49
C SER C 71 12.90 -17.70 -5.80
N ARG C 72 14.10 -17.14 -5.90
CA ARG C 72 14.46 -16.32 -7.04
C ARG C 72 15.97 -16.29 -7.18
N ASP C 73 16.45 -16.25 -8.42
CA ASP C 73 17.88 -16.19 -8.71
C ASP C 73 18.07 -15.10 -9.77
N ASN C 74 18.59 -13.95 -9.35
CA ASN C 74 18.79 -12.84 -10.28
C ASN C 74 19.97 -13.05 -11.21
N ALA C 75 20.98 -13.80 -10.78
CA ALA C 75 22.16 -13.98 -11.61
C ALA C 75 21.87 -14.83 -12.84
N LYS C 76 21.13 -15.93 -12.66
CA LYS C 76 20.87 -16.88 -13.74
C LYS C 76 19.59 -16.60 -14.50
N ASN C 77 18.89 -15.52 -14.17
CA ASN C 77 17.64 -15.14 -14.84
C ASN C 77 16.61 -16.28 -14.76
N SER C 78 16.32 -16.69 -13.54
CA SER C 78 15.40 -17.79 -13.32
C SER C 78 14.82 -17.69 -11.91
N LEU C 79 13.60 -18.19 -11.74
CA LEU C 79 12.96 -18.30 -10.44
C LEU C 79 12.46 -19.73 -10.24
N TYR C 80 12.26 -20.09 -8.98
CA TYR C 80 11.88 -21.44 -8.62
C TYR C 80 10.69 -21.42 -7.68
N LEU C 81 10.04 -22.57 -7.56
CA LEU C 81 8.92 -22.72 -6.63
C LEU C 81 9.02 -24.11 -6.01
N GLN C 82 9.34 -24.15 -4.73
CA GLN C 82 9.44 -25.41 -3.99
C GLN C 82 8.08 -25.78 -3.43
N MET C 83 7.54 -26.90 -3.90
CA MET C 83 6.24 -27.39 -3.44
C MET C 83 6.47 -28.49 -2.42
N ASN C 84 5.86 -28.35 -1.25
CA ASN C 84 6.05 -29.28 -0.15
C ASN C 84 4.71 -29.75 0.39
N SER C 85 4.69 -30.99 0.91
CA SER C 85 3.46 -31.55 1.53
C SER C 85 2.27 -31.46 0.55
N LEU C 86 2.43 -32.01 -0.65
CA LEU C 86 1.34 -31.96 -1.62
C LEU C 86 0.20 -32.87 -1.18
N ARG C 87 -1.01 -32.40 -1.52
CA ARG C 87 -2.24 -33.16 -1.21
C ARG C 87 -2.94 -33.50 -2.53
N ALA C 88 -4.15 -34.06 -2.46
CA ALA C 88 -4.87 -34.51 -3.64
C ALA C 88 -5.52 -33.39 -4.44
N GLU C 89 -5.57 -32.18 -3.91
CA GLU C 89 -6.24 -31.07 -4.59
C GLU C 89 -5.27 -30.12 -5.28
N ASP C 90 -4.04 -30.55 -5.51
CA ASP C 90 -3.04 -29.73 -6.19
C ASP C 90 -2.57 -30.40 -7.48
N THR C 91 -3.50 -30.98 -8.23
CA THR C 91 -3.19 -31.66 -9.48
C THR C 91 -3.45 -30.77 -10.69
N ALA C 92 -3.23 -29.47 -10.54
CA ALA C 92 -3.62 -28.47 -11.52
C ALA C 92 -2.46 -28.13 -12.45
N LEU C 93 -2.64 -27.09 -13.24
CA LEU C 93 -1.65 -26.63 -14.21
C LEU C 93 -1.06 -25.31 -13.74
N TYR C 94 0.26 -25.18 -13.83
CA TYR C 94 0.98 -24.07 -13.22
C TYR C 94 1.64 -23.21 -14.29
N TYR C 95 1.40 -21.91 -14.22
CA TYR C 95 1.99 -20.92 -15.13
C TYR C 95 3.06 -20.11 -14.41
N CYS C 96 3.82 -19.35 -15.19
CA CYS C 96 4.90 -18.51 -14.68
C CYS C 96 4.67 -17.10 -15.22
N ALA C 97 3.88 -16.30 -14.50
CA ALA C 97 3.52 -14.98 -14.96
C ALA C 97 4.60 -13.96 -14.62
N LYS C 98 4.53 -12.81 -15.26
CA LYS C 98 5.44 -11.70 -15.02
C LYS C 98 4.64 -10.46 -14.62
N ASP C 99 5.08 -9.81 -13.55
CA ASP C 99 4.40 -8.61 -13.08
C ASP C 99 4.82 -7.41 -13.90
N ARG C 100 3.92 -6.45 -14.04
CA ARG C 100 4.24 -5.23 -14.79
C ARG C 100 5.12 -4.29 -13.97
N GLY C 101 4.91 -4.23 -12.67
CA GLY C 101 5.65 -3.34 -11.80
C GLY C 101 6.88 -3.99 -11.21
N TYR C 102 7.26 -3.53 -10.01
CA TYR C 102 8.47 -4.07 -9.33
C TYR C 102 8.11 -4.59 -7.93
N GLU C 103 6.88 -4.37 -7.47
CA GLU C 103 6.44 -4.87 -6.15
C GLU C 103 5.51 -6.06 -6.32
N ILE C 104 4.95 -6.55 -5.21
CA ILE C 104 4.10 -7.73 -5.22
C ILE C 104 2.63 -7.36 -5.23
N LEU C 105 2.19 -6.51 -4.31
CA LEU C 105 0.78 -6.17 -4.15
C LEU C 105 0.59 -4.74 -4.64
N THR C 106 0.36 -4.60 -5.94
CA THR C 106 0.17 -3.32 -6.60
C THR C 106 -1.04 -3.43 -7.51
N PRO C 107 -1.63 -2.29 -7.89
CA PRO C 107 -2.71 -2.35 -8.90
C PRO C 107 -2.25 -2.90 -10.24
N ALA C 108 -0.96 -2.84 -10.54
CA ALA C 108 -0.46 -3.38 -11.80
C ALA C 108 -0.67 -4.89 -11.85
N SER C 109 -1.04 -5.39 -13.02
CA SER C 109 -1.41 -6.77 -13.21
C SER C 109 -0.27 -7.55 -13.87
N PHE C 110 -0.54 -8.80 -14.21
CA PHE C 110 0.44 -9.68 -14.86
C PHE C 110 0.54 -9.31 -16.32
N ASP C 111 1.77 -9.12 -16.82
CA ASP C 111 1.95 -8.66 -18.19
C ASP C 111 2.16 -9.82 -19.16
N TYR C 112 3.19 -10.63 -18.93
CA TYR C 112 3.56 -11.70 -19.83
C TYR C 112 3.49 -13.05 -19.12
N TRP C 113 3.06 -14.07 -19.84
CA TRP C 113 2.87 -15.39 -19.27
C TRP C 113 3.76 -16.40 -19.99
N GLY C 114 3.60 -17.67 -19.62
CA GLY C 114 4.27 -18.75 -20.29
C GLY C 114 3.38 -19.98 -20.30
N GLN C 115 3.71 -20.92 -21.17
CA GLN C 115 2.94 -22.14 -21.26
C GLN C 115 3.02 -22.93 -19.97
N GLY C 116 1.89 -23.51 -19.55
CA GLY C 116 1.84 -24.18 -18.28
C GLY C 116 2.54 -25.53 -18.28
N THR C 117 2.93 -25.96 -17.10
CA THR C 117 3.49 -27.29 -16.88
C THR C 117 2.53 -28.10 -16.02
N LEU C 118 2.32 -29.35 -16.40
CA LEU C 118 1.29 -30.18 -15.80
C LEU C 118 1.87 -31.00 -14.65
N VAL C 119 1.21 -30.95 -13.49
CA VAL C 119 1.59 -31.74 -12.34
C VAL C 119 0.41 -32.61 -11.94
N THR C 120 0.72 -33.74 -11.32
CA THR C 120 -0.31 -34.71 -10.93
C THR C 120 0.05 -35.31 -9.58
N VAL C 121 -0.95 -35.43 -8.71
CA VAL C 121 -0.78 -35.98 -7.37
C VAL C 121 -1.76 -37.13 -7.24
N SER C 122 -1.26 -38.35 -7.37
CA SER C 122 -2.07 -39.56 -7.22
C SER C 122 -1.13 -40.74 -7.10
N SER C 123 -1.71 -41.88 -6.70
CA SER C 123 -0.96 -43.13 -6.55
C SER C 123 -1.21 -43.99 -7.79
N ALA C 124 -0.25 -44.01 -8.70
CA ALA C 124 -0.36 -44.79 -9.92
C ALA C 124 1.05 -45.21 -10.36
N SER C 125 1.16 -45.67 -11.60
CA SER C 125 2.44 -46.09 -12.15
C SER C 125 3.17 -44.91 -12.78
N ASP D 1 -13.43 -5.59 5.32
CA ASP D 1 -13.77 -4.57 6.30
C ASP D 1 -14.73 -5.12 7.34
N ILE D 2 -14.62 -4.61 8.57
CA ILE D 2 -15.45 -5.04 9.69
C ILE D 2 -16.01 -3.81 10.38
N GLN D 3 -17.28 -3.88 10.76
CA GLN D 3 -17.96 -2.82 11.48
C GLN D 3 -18.38 -3.33 12.85
N MET D 4 -18.07 -2.59 13.89
CA MET D 4 -18.32 -3.00 15.27
C MET D 4 -19.35 -2.06 15.87
N THR D 5 -20.42 -2.64 16.44
CA THR D 5 -21.52 -1.86 16.98
C THR D 5 -21.78 -2.28 18.43
N GLN D 6 -22.38 -1.36 19.18
CA GLN D 6 -22.71 -1.54 20.59
C GLN D 6 -24.20 -1.27 20.74
N SER D 7 -24.96 -2.29 21.17
CA SER D 7 -26.42 -2.18 21.05
C SER D 7 -27.01 -1.20 22.05
N PRO D 8 -26.83 -1.36 23.36
CA PRO D 8 -27.35 -0.34 24.29
C PRO D 8 -26.47 0.89 24.32
N SER D 9 -27.01 1.95 24.92
CA SER D 9 -26.31 3.23 24.97
C SER D 9 -26.18 3.79 26.38
N SER D 10 -27.17 3.59 27.24
CA SER D 10 -27.12 4.08 28.61
C SER D 10 -28.02 3.23 29.49
N LEU D 11 -27.59 3.03 30.74
CA LEU D 11 -28.34 2.24 31.70
C LEU D 11 -28.34 2.95 33.05
N SER D 12 -29.25 2.52 33.91
CA SER D 12 -29.29 2.99 35.29
C SER D 12 -29.87 1.87 36.15
N ALA D 13 -29.20 1.57 37.26
CA ALA D 13 -29.61 0.49 38.14
C ALA D 13 -29.23 0.85 39.57
N SER D 14 -29.28 -0.14 40.45
CA SER D 14 -29.06 0.04 41.88
C SER D 14 -27.83 -0.75 42.32
N VAL D 15 -27.62 -0.79 43.64
CA VAL D 15 -26.42 -1.41 44.20
C VAL D 15 -26.42 -2.92 43.99
N GLY D 16 -27.60 -3.55 43.99
CA GLY D 16 -27.65 -5.00 43.90
C GLY D 16 -28.41 -5.53 42.70
N ASP D 17 -28.29 -4.84 41.56
CA ASP D 17 -29.01 -5.21 40.35
C ASP D 17 -28.12 -6.08 39.46
N ARG D 18 -28.69 -6.50 38.33
CA ARG D 18 -27.98 -7.28 37.33
C ARG D 18 -28.32 -6.71 35.95
N VAL D 19 -27.30 -6.30 35.21
CA VAL D 19 -27.49 -5.64 33.92
C VAL D 19 -26.68 -6.36 32.86
N THR D 20 -27.10 -6.19 31.61
CA THR D 20 -26.51 -6.88 30.47
C THR D 20 -26.11 -5.86 29.42
N ILE D 21 -24.89 -5.99 28.91
CA ILE D 21 -24.40 -5.21 27.78
C ILE D 21 -23.98 -6.17 26.67
N THR D 22 -24.43 -5.90 25.45
CA THR D 22 -24.20 -6.78 24.33
C THR D 22 -23.54 -6.02 23.18
N CYS D 23 -22.59 -6.69 22.53
CA CYS D 23 -21.77 -6.07 21.49
C CYS D 23 -21.84 -6.96 20.25
N ARG D 24 -22.27 -6.39 19.14
CA ARG D 24 -22.52 -7.13 17.91
C ARG D 24 -21.44 -6.80 16.88
N ALA D 25 -20.98 -7.81 16.16
CA ALA D 25 -19.98 -7.63 15.12
C ALA D 25 -20.60 -7.84 13.74
N SER D 26 -20.09 -7.12 12.75
CA SER D 26 -20.59 -7.25 11.39
C SER D 26 -20.31 -8.63 10.82
N GLN D 27 -19.14 -9.18 11.12
CA GLN D 27 -18.71 -10.45 10.55
C GLN D 27 -18.22 -11.36 11.67
N SER D 28 -18.16 -12.65 11.37
CA SER D 28 -17.71 -13.62 12.36
C SER D 28 -16.26 -13.36 12.75
N ILE D 29 -15.99 -13.42 14.06
CA ILE D 29 -14.65 -13.20 14.59
C ILE D 29 -14.17 -14.36 15.45
N SER D 30 -15.02 -15.34 15.72
CA SER D 30 -14.64 -16.57 16.42
C SER D 30 -14.10 -16.28 17.82
N SER D 31 -14.95 -15.64 18.62
CA SER D 31 -14.73 -15.47 20.06
C SER D 31 -13.48 -14.67 20.39
N TYR D 32 -13.07 -13.79 19.46
CA TYR D 32 -11.90 -12.90 19.70
C TYR D 32 -12.41 -11.50 20.04
N LEU D 33 -12.87 -11.31 21.27
CA LEU D 33 -13.42 -10.04 21.72
C LEU D 33 -12.69 -9.63 22.99
N ASN D 34 -12.66 -8.33 23.26
CA ASN D 34 -12.01 -7.82 24.46
C ASN D 34 -12.85 -6.70 25.06
N TRP D 35 -13.02 -6.73 26.36
CA TRP D 35 -13.80 -5.74 27.09
C TRP D 35 -12.89 -4.89 27.96
N PHE D 36 -13.14 -3.59 27.98
CA PHE D 36 -12.35 -2.66 28.77
C PHE D 36 -13.26 -1.82 29.65
N GLN D 37 -12.81 -1.52 30.86
CA GLN D 37 -13.53 -0.65 31.78
C GLN D 37 -12.84 0.71 31.79
N HIS D 38 -13.48 1.70 31.18
CA HIS D 38 -12.90 3.04 31.07
C HIS D 38 -13.37 3.87 32.26
N LYS D 39 -12.54 3.94 33.29
CA LYS D 39 -12.83 4.83 34.40
C LYS D 39 -12.70 6.28 33.92
N PRO D 40 -13.66 7.14 34.23
CA PRO D 40 -13.66 8.49 33.63
C PRO D 40 -12.43 9.32 33.99
N GLY D 41 -11.86 9.17 35.17
CA GLY D 41 -10.79 10.02 35.63
C GLY D 41 -9.40 9.47 35.56
N LYS D 42 -9.20 8.24 35.09
CA LYS D 42 -7.88 7.63 35.13
C LYS D 42 -7.72 6.68 33.95
N ALA D 43 -6.66 5.88 33.99
CA ALA D 43 -6.33 5.01 32.87
C ALA D 43 -7.31 3.86 32.76
N PRO D 44 -7.74 3.51 31.55
CA PRO D 44 -8.63 2.36 31.38
C PRO D 44 -7.90 1.06 31.65
N LYS D 45 -8.67 0.04 32.00
CA LYS D 45 -8.15 -1.28 32.34
C LYS D 45 -8.84 -2.33 31.50
N LEU D 46 -8.34 -3.56 31.57
CA LEU D 46 -8.88 -4.70 30.85
C LEU D 46 -9.59 -5.63 31.83
N LEU D 47 -10.81 -6.05 31.47
CA LEU D 47 -11.57 -6.97 32.30
C LEU D 47 -11.53 -8.39 31.78
N ILE D 48 -11.89 -8.61 30.52
CA ILE D 48 -11.97 -9.94 29.94
C ILE D 48 -11.18 -9.96 28.64
N TYR D 49 -10.17 -10.82 28.57
CA TYR D 49 -9.46 -11.11 27.33
C TYR D 49 -9.95 -12.44 26.77
N GLY D 50 -9.93 -12.54 25.45
CA GLY D 50 -10.55 -13.70 24.84
C GLY D 50 -12.05 -13.63 24.98
N ALA D 51 -12.70 -14.77 24.72
CA ALA D 51 -14.16 -14.84 24.74
C ALA D 51 -14.71 -14.47 26.11
N SER D 52 -14.44 -15.31 27.11
CA SER D 52 -14.96 -15.09 28.45
C SER D 52 -13.92 -15.43 29.51
N SER D 53 -12.64 -15.25 29.17
CA SER D 53 -11.56 -15.54 30.10
C SER D 53 -11.33 -14.32 30.98
N LEU D 54 -11.55 -14.49 32.29
CA LEU D 54 -11.47 -13.38 33.23
C LEU D 54 -10.01 -13.07 33.53
N GLN D 55 -9.63 -11.81 33.37
CA GLN D 55 -8.26 -11.40 33.60
C GLN D 55 -7.90 -11.49 35.07
N SER D 56 -6.70 -11.99 35.36
CA SER D 56 -6.25 -12.14 36.73
C SER D 56 -6.07 -10.77 37.39
N GLY D 57 -6.63 -10.61 38.59
CA GLY D 57 -6.53 -9.37 39.32
C GLY D 57 -7.78 -8.54 39.40
N VAL D 58 -8.93 -9.05 38.96
CA VAL D 58 -10.19 -8.31 39.04
C VAL D 58 -11.21 -9.17 39.77
N PRO D 59 -12.22 -8.57 40.41
CA PRO D 59 -13.25 -9.38 41.08
C PRO D 59 -14.03 -10.21 40.08
N SER D 60 -14.48 -11.38 40.56
CA SER D 60 -15.22 -12.33 39.74
C SER D 60 -16.68 -11.93 39.53
N ARG D 61 -17.03 -10.70 39.87
CA ARG D 61 -18.41 -10.24 39.65
C ARG D 61 -18.76 -10.22 38.17
N PHE D 62 -17.81 -9.79 37.33
CA PHE D 62 -18.03 -9.76 35.90
C PHE D 62 -17.93 -11.15 35.30
N SER D 63 -18.71 -11.37 34.23
CA SER D 63 -18.68 -12.63 33.51
C SER D 63 -19.29 -12.42 32.14
N GLY D 64 -18.57 -12.81 31.09
CA GLY D 64 -19.03 -12.67 29.73
C GLY D 64 -19.36 -14.02 29.11
N SER D 65 -19.89 -13.95 27.89
CA SER D 65 -20.22 -15.15 27.13
C SER D 65 -20.46 -14.75 25.68
N GLY D 66 -20.54 -15.76 24.81
CA GLY D 66 -20.84 -15.51 23.42
C GLY D 66 -19.68 -15.81 22.50
N SER D 67 -20.00 -16.23 21.27
CA SER D 67 -18.99 -16.50 20.26
C SER D 67 -19.64 -16.38 18.89
N GLY D 68 -18.80 -16.19 17.88
CA GLY D 68 -19.31 -16.02 16.53
C GLY D 68 -19.57 -14.58 16.18
N THR D 69 -20.82 -14.14 16.28
CA THR D 69 -21.19 -12.79 15.89
C THR D 69 -21.91 -11.99 16.97
N ASP D 70 -22.28 -12.62 18.09
CA ASP D 70 -22.96 -11.92 19.16
C ASP D 70 -22.32 -12.27 20.50
N PHE D 71 -22.14 -11.26 21.34
CA PHE D 71 -21.51 -11.42 22.64
C PHE D 71 -22.31 -10.66 23.69
N THR D 72 -22.15 -11.07 24.95
CA THR D 72 -22.90 -10.48 26.05
C THR D 72 -22.02 -10.40 27.28
N LEU D 73 -22.15 -9.29 28.02
CA LEU D 73 -21.49 -9.11 29.30
C LEU D 73 -22.51 -8.74 30.37
N THR D 74 -22.40 -9.41 31.51
CA THR D 74 -23.30 -9.21 32.64
C THR D 74 -22.49 -8.90 33.89
N ILE D 75 -23.02 -8.00 34.71
CA ILE D 75 -22.42 -7.65 35.99
C ILE D 75 -23.29 -8.25 37.09
N SER D 76 -22.66 -9.05 37.96
CA SER D 76 -23.42 -9.86 38.91
C SER D 76 -24.19 -8.99 39.91
N SER D 77 -23.57 -7.95 40.43
CA SER D 77 -24.20 -7.18 41.50
C SER D 77 -24.29 -5.69 41.17
N LEU D 78 -23.30 -5.15 40.47
CA LEU D 78 -23.21 -3.73 40.16
C LEU D 78 -23.17 -2.89 41.45
N GLN D 79 -22.09 -3.11 42.19
CA GLN D 79 -21.82 -2.31 43.38
C GLN D 79 -21.57 -0.86 42.97
N PRO D 80 -21.79 0.10 43.89
CA PRO D 80 -21.87 1.51 43.46
C PRO D 80 -20.60 2.10 42.86
N GLU D 81 -19.44 1.45 43.02
CA GLU D 81 -18.19 2.01 42.52
C GLU D 81 -17.80 1.46 41.16
N ASP D 82 -18.71 0.79 40.46
CA ASP D 82 -18.40 0.16 39.18
C ASP D 82 -18.98 0.91 37.98
N PHE D 83 -19.51 2.11 38.17
CA PHE D 83 -20.06 2.85 37.04
C PHE D 83 -18.92 3.42 36.21
N ALA D 84 -18.98 3.21 34.91
CA ALA D 84 -17.96 3.68 33.97
C ALA D 84 -18.50 3.48 32.57
N THR D 85 -17.64 3.71 31.58
CA THR D 85 -17.93 3.45 30.18
C THR D 85 -17.18 2.19 29.75
N TYR D 86 -17.85 1.30 29.04
CA TYR D 86 -17.30 0.02 28.64
C TYR D 86 -17.18 -0.08 27.13
N TYR D 87 -16.10 -0.72 26.67
CA TYR D 87 -15.79 -0.82 25.25
C TYR D 87 -15.55 -2.27 24.88
N CYS D 88 -15.87 -2.61 23.63
CA CYS D 88 -15.60 -3.92 23.06
C CYS D 88 -14.78 -3.73 21.78
N GLN D 89 -13.74 -4.55 21.62
CA GLN D 89 -12.89 -4.48 20.44
C GLN D 89 -12.65 -5.88 19.89
N GLN D 90 -12.38 -5.96 18.59
CA GLN D 90 -12.03 -7.21 17.94
C GLN D 90 -10.58 -7.15 17.47
N SER D 91 -9.93 -8.31 17.49
CA SER D 91 -8.53 -8.43 17.07
C SER D 91 -8.37 -9.63 16.15
N TYR D 92 -9.29 -9.76 15.18
CA TYR D 92 -9.29 -10.90 14.28
C TYR D 92 -9.30 -10.46 12.83
N SER D 93 -10.01 -9.38 12.53
CA SER D 93 -10.22 -8.96 11.15
C SER D 93 -9.07 -8.08 10.66
N THR D 94 -9.11 -7.76 9.36
CA THR D 94 -8.06 -6.94 8.78
C THR D 94 -7.96 -5.54 9.35
N PRO D 95 -9.05 -4.79 9.61
CA PRO D 95 -8.89 -3.51 10.30
C PRO D 95 -8.50 -3.73 11.75
N PRO D 96 -7.26 -3.41 12.12
CA PRO D 96 -6.74 -3.86 13.41
C PRO D 96 -7.35 -3.10 14.58
N TYR D 97 -7.85 -3.85 15.56
CA TYR D 97 -8.28 -3.31 16.85
C TYR D 97 -9.32 -2.20 16.68
N THR D 98 -10.47 -2.58 16.17
CA THR D 98 -11.59 -1.65 16.01
C THR D 98 -12.41 -1.65 17.29
N PHE D 99 -12.55 -0.49 17.91
CA PHE D 99 -13.29 -0.35 19.15
C PHE D 99 -14.75 -0.05 18.87
N GLY D 100 -15.62 -0.49 19.78
CA GLY D 100 -17.01 -0.10 19.73
C GLY D 100 -17.25 1.26 20.35
N GLN D 101 -18.46 1.76 20.17
CA GLN D 101 -18.79 3.03 20.79
C GLN D 101 -19.17 2.82 22.24
N GLY D 102 -19.09 3.90 23.02
CA GLY D 102 -19.16 3.79 24.47
C GLY D 102 -20.54 3.45 25.00
N THR D 103 -20.56 3.03 26.26
CA THR D 103 -21.79 2.75 27.01
C THR D 103 -21.66 3.41 28.38
N LYS D 104 -22.20 4.61 28.50
CA LYS D 104 -22.16 5.32 29.77
C LYS D 104 -23.16 4.69 30.74
N LEU D 105 -22.71 4.42 31.96
CA LEU D 105 -23.50 3.68 32.94
C LEU D 105 -23.52 4.48 34.24
N GLU D 106 -24.72 4.70 34.77
CA GLU D 106 -24.92 5.45 36.00
C GLU D 106 -25.55 4.56 37.06
N ILE D 107 -25.11 4.70 38.29
CA ILE D 107 -25.65 3.96 39.41
C ILE D 107 -26.48 4.88 40.29
N LYS D 108 -27.74 4.51 40.51
CA LYS D 108 -28.64 5.31 41.34
C LYS D 108 -29.83 4.48 41.80
N GLU E 1 0.98 -3.48 38.66
CA GLU E 1 2.07 -2.83 39.38
C GLU E 1 3.00 -2.09 38.43
N VAL E 2 2.95 -2.47 37.15
CA VAL E 2 3.78 -1.81 36.15
C VAL E 2 3.28 -0.38 35.94
N GLN E 3 4.20 0.51 35.58
CA GLN E 3 3.89 1.91 35.41
C GLN E 3 4.17 2.32 33.97
N LEU E 4 3.19 2.98 33.34
CA LEU E 4 3.31 3.47 31.97
C LEU E 4 3.03 4.97 32.00
N VAL E 5 4.08 5.78 31.91
CA VAL E 5 3.97 7.23 31.93
C VAL E 5 4.63 7.78 30.68
N GLU E 6 4.03 8.82 30.09
CA GLU E 6 4.58 9.46 28.91
C GLU E 6 4.56 10.97 29.11
N SER E 7 5.15 11.69 28.16
CA SER E 7 5.30 13.14 28.26
C SER E 7 5.13 13.74 26.88
N GLY E 8 5.48 15.02 26.76
CA GLY E 8 5.45 15.72 25.50
C GLY E 8 4.14 16.40 25.16
N GLY E 9 3.11 16.23 25.98
CA GLY E 9 1.85 16.89 25.71
C GLY E 9 2.00 18.40 25.80
N GLY E 10 1.43 19.09 24.81
CA GLY E 10 1.52 20.53 24.77
C GLY E 10 0.73 21.10 23.62
N LEU E 11 0.98 22.37 23.33
CA LEU E 11 0.29 23.08 22.26
C LEU E 11 1.27 23.34 21.13
N VAL E 12 0.91 22.92 19.92
CA VAL E 12 1.72 23.14 18.73
C VAL E 12 0.81 23.64 17.61
N GLN E 13 1.41 24.32 16.65
CA GLN E 13 0.66 24.80 15.51
C GLN E 13 0.48 23.71 14.47
N PRO E 14 -0.55 23.78 13.64
CA PRO E 14 -0.69 22.80 12.56
C PRO E 14 0.50 22.85 11.62
N GLY E 15 0.89 21.67 11.14
CA GLY E 15 2.06 21.54 10.30
C GLY E 15 3.38 21.50 11.04
N ARG E 16 3.35 21.52 12.36
CA ARG E 16 4.57 21.48 13.18
C ARG E 16 4.70 20.11 13.83
N SER E 17 5.92 19.61 13.89
CA SER E 17 6.19 18.29 14.43
C SER E 17 6.24 18.32 15.96
N LEU E 18 5.92 17.18 16.55
CA LEU E 18 5.96 17.02 18.00
C LEU E 18 6.30 15.57 18.31
N ARG E 19 7.19 15.38 19.29
CA ARG E 19 7.68 14.03 19.64
C ARG E 19 7.26 13.64 21.06
N LEU E 20 6.74 12.43 21.24
CA LEU E 20 6.30 11.90 22.52
C LEU E 20 7.13 10.68 22.88
N SER E 21 7.40 10.52 24.18
CA SER E 21 8.13 9.38 24.70
C SER E 21 7.38 8.83 25.91
N CYS E 22 7.42 7.51 26.05
CA CYS E 22 6.71 6.83 27.13
C CYS E 22 7.70 5.98 27.92
N ALA E 23 7.67 6.08 29.23
CA ALA E 23 8.61 5.39 30.11
C ALA E 23 7.92 4.23 30.79
N ALA E 24 8.50 3.03 30.65
CA ALA E 24 7.97 1.82 31.25
C ALA E 24 8.99 1.28 32.25
N SER E 25 8.52 0.91 33.44
CA SER E 25 9.42 0.56 34.51
C SER E 25 9.13 -0.81 35.13
N GLY E 26 7.86 -1.17 35.25
CA GLY E 26 7.49 -2.28 36.10
C GLY E 26 7.65 -3.68 35.54
N PHE E 27 8.09 -3.83 34.29
CA PHE E 27 8.15 -5.14 33.67
C PHE E 27 9.42 -5.24 32.83
N THR E 28 9.50 -6.30 32.03
CA THR E 28 10.64 -6.53 31.14
C THR E 28 10.31 -5.93 29.77
N PHE E 29 10.93 -4.80 29.45
CA PHE E 29 10.63 -4.07 28.23
C PHE E 29 11.19 -4.71 26.98
N ASP E 30 12.18 -5.61 27.12
CA ASP E 30 12.91 -6.10 25.96
C ASP E 30 12.10 -7.06 25.09
N ASP E 31 11.04 -7.67 25.63
CA ASP E 31 10.38 -8.76 24.93
C ASP E 31 8.85 -8.63 24.99
N TYR E 32 8.34 -7.41 24.94
CA TYR E 32 6.91 -7.16 24.83
C TYR E 32 6.64 -6.18 23.70
N ALA E 33 5.61 -6.46 22.91
CA ALA E 33 5.16 -5.51 21.90
C ALA E 33 4.46 -4.34 22.57
N MET E 34 4.51 -3.18 21.92
CA MET E 34 3.95 -1.97 22.49
C MET E 34 3.13 -1.22 21.45
N HIS E 35 2.14 -0.48 21.92
CA HIS E 35 1.19 0.20 21.04
C HIS E 35 0.92 1.61 21.55
N TRP E 36 0.23 2.39 20.73
CA TRP E 36 -0.25 3.72 21.09
C TRP E 36 -1.75 3.76 20.81
N VAL E 37 -2.50 4.34 21.75
CA VAL E 37 -3.95 4.44 21.63
C VAL E 37 -4.36 5.90 21.82
N ARG E 38 -5.31 6.34 21.02
CA ARG E 38 -5.77 7.72 21.02
C ARG E 38 -7.21 7.80 21.51
N GLN E 39 -7.48 8.75 22.41
CA GLN E 39 -8.83 8.98 22.93
C GLN E 39 -9.27 10.36 22.46
N ALA E 40 -10.18 10.39 21.50
CA ALA E 40 -10.70 11.64 20.98
C ALA E 40 -11.48 12.36 22.09
N PRO E 41 -11.49 13.71 22.07
CA PRO E 41 -12.15 14.44 23.16
C PRO E 41 -13.62 14.11 23.32
N GLY E 42 -14.32 13.79 22.23
CA GLY E 42 -15.74 13.49 22.33
C GLY E 42 -16.13 12.19 21.64
N LYS E 43 -15.19 11.26 21.49
CA LYS E 43 -15.45 10.00 20.82
C LYS E 43 -14.86 8.87 21.66
N GLY E 44 -14.82 7.67 21.08
CA GLY E 44 -14.29 6.51 21.76
C GLY E 44 -12.81 6.29 21.46
N LEU E 45 -12.32 5.13 21.92
CA LEU E 45 -10.92 4.79 21.75
C LEU E 45 -10.58 4.58 20.27
N GLU E 46 -9.29 4.62 19.98
CA GLU E 46 -8.82 4.42 18.62
C GLU E 46 -7.35 4.03 18.65
N TRP E 47 -7.00 3.01 17.86
CA TRP E 47 -5.62 2.56 17.77
C TRP E 47 -4.85 3.44 16.80
N VAL E 48 -3.58 3.69 17.12
CA VAL E 48 -2.72 4.58 16.32
C VAL E 48 -1.59 3.80 15.66
N SER E 49 -0.73 3.17 16.45
CA SER E 49 0.45 2.51 15.91
C SER E 49 0.79 1.32 16.79
N GLY E 50 1.84 0.60 16.39
CA GLY E 50 2.31 -0.54 17.16
C GLY E 50 3.64 -1.02 16.62
N ILE E 51 4.50 -1.43 17.53
CA ILE E 51 5.82 -1.95 17.18
C ILE E 51 6.04 -3.28 17.88
N SER E 52 6.90 -4.11 17.30
CA SER E 52 7.14 -5.44 17.82
C SER E 52 8.13 -5.38 18.98
N TRP E 53 8.54 -6.54 19.47
CA TRP E 53 9.56 -6.57 20.52
C TRP E 53 10.87 -5.97 20.02
N ASN E 54 11.24 -6.28 18.79
CA ASN E 54 12.33 -5.61 18.09
C ASN E 54 11.80 -5.09 16.77
N SER E 55 12.42 -4.02 16.27
CA SER E 55 11.85 -3.23 15.19
C SER E 55 12.05 -3.93 13.84
N ASP E 56 11.25 -4.97 13.62
CA ASP E 56 11.10 -5.55 12.29
C ASP E 56 9.73 -5.28 11.70
N SER E 57 8.67 -5.41 12.51
CA SER E 57 7.30 -5.22 12.05
C SER E 57 6.74 -3.95 12.69
N ILE E 58 6.37 -2.98 11.85
CA ILE E 58 5.80 -1.72 12.29
C ILE E 58 4.52 -1.49 11.50
N ASP E 59 3.43 -1.19 12.20
CA ASP E 59 2.14 -0.95 11.56
C ASP E 59 1.57 0.37 12.03
N TYR E 60 0.78 1.00 11.18
CA TYR E 60 0.19 2.30 11.45
C TYR E 60 -1.30 2.27 11.13
N ALA E 61 -2.07 3.09 11.83
CA ALA E 61 -3.47 3.26 11.49
C ALA E 61 -3.59 3.92 10.12
N ASP E 62 -4.72 3.68 9.45
CA ASP E 62 -4.90 4.23 8.08
C ASP E 62 -4.90 5.76 8.12
N SER E 63 -5.56 6.36 9.11
CA SER E 63 -5.67 7.81 9.16
C SER E 63 -4.35 8.51 9.48
N VAL E 64 -3.34 7.78 9.96
CA VAL E 64 -2.05 8.37 10.28
C VAL E 64 -0.94 7.77 9.42
N LYS E 65 -1.30 7.09 8.34
CA LYS E 65 -0.27 6.46 7.49
C LYS E 65 0.52 7.56 6.77
N GLY E 66 1.84 7.51 6.84
CA GLY E 66 2.70 8.51 6.23
C GLY E 66 2.70 9.85 6.94
N ARG E 67 2.42 9.88 8.23
CA ARG E 67 2.48 11.13 8.98
C ARG E 67 3.25 10.96 10.27
N PHE E 68 3.20 9.75 10.84
CA PHE E 68 3.81 9.44 12.12
C PHE E 68 4.99 8.49 11.92
N THR E 69 5.83 8.39 12.95
CA THR E 69 7.01 7.49 12.92
C THR E 69 7.24 6.95 14.33
N ILE E 70 6.88 5.69 14.59
CA ILE E 70 7.04 5.10 15.91
C ILE E 70 8.41 4.43 15.99
N SER E 71 9.10 4.67 17.09
CA SER E 71 10.44 4.14 17.33
C SER E 71 10.45 3.30 18.60
N ARG E 72 11.64 2.84 18.97
CA ARG E 72 11.80 2.01 20.16
C ARG E 72 13.26 2.04 20.56
N ASP E 73 13.51 2.07 21.88
CA ASP E 73 14.87 2.05 22.41
C ASP E 73 14.88 1.10 23.61
N ASN E 74 15.32 -0.14 23.37
CA ASN E 74 15.34 -1.13 24.44
C ASN E 74 16.45 -0.85 25.44
N ALA E 75 17.46 -0.09 25.06
CA ALA E 75 18.58 0.18 25.97
C ALA E 75 18.13 1.01 27.17
N LYS E 76 17.34 2.05 26.94
CA LYS E 76 16.87 2.91 28.03
C LYS E 76 15.49 2.52 28.53
N ASN E 77 14.91 1.44 28.01
CA ASN E 77 13.60 0.95 28.45
C ASN E 77 12.53 2.02 28.30
N SER E 78 12.45 2.58 27.09
CA SER E 78 11.42 3.57 26.77
C SER E 78 11.22 3.58 25.26
N LEU E 79 10.04 4.01 24.85
CA LEU E 79 9.70 4.12 23.44
C LEU E 79 9.32 5.55 23.10
N TYR E 80 9.35 5.86 21.81
CA TYR E 80 9.10 7.21 21.32
C TYR E 80 8.03 7.16 20.24
N LEU E 81 7.56 8.34 19.85
CA LEU E 81 6.65 8.48 18.73
C LEU E 81 6.78 9.89 18.17
N GLN E 82 6.77 10.00 16.85
CA GLN E 82 6.94 11.26 16.15
C GLN E 82 5.66 11.62 15.43
N MET E 83 5.16 12.83 15.67
CA MET E 83 3.97 13.34 14.99
C MET E 83 4.40 14.43 14.03
N ASN E 84 4.04 14.29 12.75
CA ASN E 84 4.44 15.23 11.72
C ASN E 84 3.23 15.64 10.89
N SER E 85 3.31 16.87 10.35
CA SER E 85 2.20 17.39 9.49
C SER E 85 0.87 17.25 10.23
N LEU E 86 0.76 17.89 11.40
CA LEU E 86 -0.47 17.75 12.19
C LEU E 86 -1.60 18.58 11.59
N ARG E 87 -2.81 18.02 11.73
CA ARG E 87 -4.01 18.78 11.32
C ARG E 87 -4.82 19.03 12.59
N ALA E 88 -6.03 19.59 12.46
CA ALA E 88 -6.84 19.98 13.60
C ALA E 88 -7.53 18.83 14.31
N GLU E 89 -7.54 17.63 13.73
CA GLU E 89 -8.24 16.50 14.33
C GLU E 89 -7.36 15.67 15.25
N ASP E 90 -6.13 16.11 15.52
CA ASP E 90 -5.23 15.42 16.43
C ASP E 90 -5.15 16.09 17.79
N THR E 91 -6.25 16.68 18.26
CA THR E 91 -6.31 17.34 19.56
C THR E 91 -6.73 16.39 20.66
N ALA E 92 -6.46 15.10 20.51
CA ALA E 92 -7.02 14.08 21.36
C ALA E 92 -6.06 13.73 22.50
N LEU E 93 -6.41 12.69 23.26
CA LEU E 93 -5.64 12.20 24.38
C LEU E 93 -4.98 10.88 24.00
N TYR E 94 -3.70 10.74 24.32
CA TYR E 94 -2.90 9.60 23.87
C TYR E 94 -2.49 8.75 25.06
N TYR E 95 -2.63 7.43 24.91
CA TYR E 95 -2.22 6.47 25.92
C TYR E 95 -1.07 5.60 25.40
N CYS E 96 -0.36 4.99 26.33
CA CYS E 96 0.81 4.16 26.04
C CYS E 96 0.52 2.74 26.54
N ALA E 97 0.03 1.89 25.65
CA ALA E 97 -0.42 0.56 26.02
C ALA E 97 0.70 -0.46 25.86
N LYS E 98 0.47 -1.64 26.44
CA LYS E 98 1.41 -2.75 26.36
C LYS E 98 0.66 -4.00 25.87
N ASP E 99 1.22 -4.67 24.87
CA ASP E 99 0.63 -5.89 24.35
C ASP E 99 1.06 -7.09 25.16
N ARG E 100 0.17 -8.08 25.24
CA ARG E 100 0.50 -9.30 25.97
C ARG E 100 1.57 -10.10 25.25
N GLY E 101 1.48 -10.21 23.93
CA GLY E 101 2.39 -11.01 23.14
C GLY E 101 3.64 -10.25 22.76
N TYR E 102 4.28 -10.68 21.67
CA TYR E 102 5.54 -10.03 21.22
C TYR E 102 5.40 -9.51 19.79
N GLU E 103 4.29 -9.84 19.12
CA GLU E 103 4.07 -9.38 17.72
C GLU E 103 3.08 -8.22 17.71
N ILE E 104 2.93 -7.57 16.56
CA ILE E 104 2.10 -6.38 16.46
C ILE E 104 0.62 -6.75 16.28
N LEU E 105 0.33 -7.65 15.35
CA LEU E 105 -1.05 -7.97 14.98
C LEU E 105 -1.32 -9.42 15.40
N THR E 106 -1.76 -9.58 16.64
CA THR E 106 -2.07 -10.88 17.22
C THR E 106 -3.41 -10.76 17.92
N PRO E 107 -4.11 -11.88 18.15
CA PRO E 107 -5.36 -11.83 18.92
C PRO E 107 -5.18 -11.34 20.35
N ALA E 108 -3.95 -11.28 20.87
CA ALA E 108 -3.73 -10.79 22.22
C ALA E 108 -3.93 -9.28 22.27
N SER E 109 -4.72 -8.83 23.24
CA SER E 109 -5.12 -7.44 23.36
C SER E 109 -4.17 -6.67 24.27
N PHE E 110 -4.58 -5.46 24.66
CA PHE E 110 -3.74 -4.53 25.40
C PHE E 110 -4.00 -4.72 26.89
N ASP E 111 -3.01 -5.25 27.61
CA ASP E 111 -3.26 -5.65 29.00
C ASP E 111 -3.02 -4.52 30.02
N TYR E 112 -2.00 -3.70 29.85
CA TYR E 112 -1.74 -2.60 30.77
C TYR E 112 -1.62 -1.29 30.00
N TRP E 113 -2.22 -0.24 30.56
CA TRP E 113 -2.24 1.08 29.96
C TRP E 113 -1.55 2.08 30.88
N GLY E 114 -1.64 3.35 30.51
CA GLY E 114 -1.12 4.41 31.35
C GLY E 114 -1.95 5.67 31.20
N GLN E 115 -1.80 6.56 32.17
CA GLN E 115 -2.53 7.83 32.12
C GLN E 115 -2.11 8.63 30.90
N GLY E 116 -3.08 9.32 30.29
CA GLY E 116 -2.84 10.01 29.05
C GLY E 116 -2.29 11.41 29.23
N THR E 117 -1.71 11.94 28.15
CA THR E 117 -1.21 13.30 28.08
C THR E 117 -1.90 14.02 26.94
N LEU E 118 -2.58 15.11 27.26
CA LEU E 118 -3.41 15.81 26.29
C LEU E 118 -2.56 16.70 25.39
N VAL E 119 -2.88 16.70 24.10
CA VAL E 119 -2.23 17.55 23.11
C VAL E 119 -3.29 18.33 22.36
N THR E 120 -2.97 19.57 22.01
CA THR E 120 -3.86 20.43 21.24
C THR E 120 -3.07 21.09 20.11
N VAL E 121 -3.72 21.25 18.97
CA VAL E 121 -3.13 21.93 17.83
C VAL E 121 -4.01 23.14 17.52
N SER E 122 -3.42 24.33 17.62
CA SER E 122 -4.13 25.58 17.38
C SER E 122 -3.11 26.71 17.36
N SER E 123 -3.62 27.94 17.31
CA SER E 123 -2.81 29.15 17.37
C SER E 123 -3.40 30.05 18.46
N ALA E 124 -2.86 29.92 19.67
CA ALA E 124 -3.33 30.71 20.80
C ALA E 124 -2.21 30.79 21.82
N SER E 125 -2.55 31.25 23.02
CA SER E 125 -1.59 31.33 24.13
C SER E 125 -1.01 29.97 24.48
#